data_7YPR
#
_entry.id   7YPR
#
_cell.length_a   105.825
_cell.length_b   105.825
_cell.length_c   76.956
_cell.angle_alpha   90.000
_cell.angle_beta   90.000
_cell.angle_gamma   120.000
#
_symmetry.space_group_name_H-M   'P 32'
#
loop_
_entity.id
_entity.type
_entity.pdbx_description
1 polymer 'Superoxide dismutase [Cu-Zn]'
2 non-polymer 'ZINC ION'
3 non-polymer 'COPPER (II) ION'
4 non-polymer 'POTASSIUM ION'
5 water water
#
_entity_poly.entity_id   1
_entity_poly.type   'polypeptide(L)'
_entity_poly.pdbx_seq_one_letter_code
;MTRPLALIIFLVAILTNTDPSRSDAGSDPVNYLFRGPVTAVAAIAGEGEHAGIKGSLTFLQKSLDGRTVINGTISGLPEG
KHGLHIHDSGDMTKGCYITTAKGHLNPFNLSHGAPSDSARHVGDLGNIYADDTGISVINLTDTVISLFPTPAFVIGRILV
IHTTYDDLGRGGSPVSKVNGNAGGRLACGIISYV
;
_entity_poly.pdbx_strand_id   A,B,C,D,E,F
#
# COMPACT_ATOMS: atom_id res chain seq x y z
N VAL A 30 -19.72 -16.98 -11.12
CA VAL A 30 -18.49 -17.59 -11.62
C VAL A 30 -17.46 -16.48 -11.83
N ASN A 31 -16.18 -16.88 -11.87
CA ASN A 31 -15.06 -16.00 -12.23
C ASN A 31 -15.41 -15.13 -13.43
N TYR A 32 -15.40 -13.81 -13.23
CA TYR A 32 -15.89 -12.87 -14.23
C TYR A 32 -15.11 -12.91 -15.54
N LEU A 33 -13.89 -13.46 -15.53
CA LEU A 33 -13.16 -13.61 -16.79
C LEU A 33 -13.83 -14.58 -17.72
N PHE A 34 -14.71 -15.44 -17.19
CA PHE A 34 -15.38 -16.47 -17.97
C PHE A 34 -16.83 -16.11 -18.30
N ARG A 35 -17.23 -14.86 -18.10
CA ARG A 35 -18.63 -14.45 -18.17
C ARG A 35 -18.89 -13.49 -19.33
N GLY A 36 -20.12 -13.52 -19.84
CA GLY A 36 -20.71 -12.41 -20.58
C GLY A 36 -19.92 -12.22 -21.84
N PRO A 37 -20.18 -11.13 -22.55
CA PRO A 37 -19.37 -10.85 -23.74
C PRO A 37 -18.01 -10.36 -23.29
N VAL A 38 -16.96 -10.83 -23.94
CA VAL A 38 -15.62 -10.31 -23.74
C VAL A 38 -15.26 -9.53 -24.98
N THR A 39 -14.68 -8.35 -24.78
CA THR A 39 -14.14 -7.54 -25.86
C THR A 39 -12.64 -7.37 -25.62
N ALA A 40 -11.86 -7.60 -26.67
CA ALA A 40 -10.43 -7.36 -26.62
C ALA A 40 -10.05 -6.47 -27.79
N VAL A 41 -8.90 -5.80 -27.66
CA VAL A 41 -8.40 -4.94 -28.72
C VAL A 41 -6.90 -5.17 -28.90
N ALA A 42 -6.41 -4.74 -30.06
CA ALA A 42 -4.97 -4.63 -30.32
C ALA A 42 -4.71 -3.31 -31.02
N ALA A 43 -3.88 -2.47 -30.39
CA ALA A 43 -3.30 -1.30 -31.04
C ALA A 43 -2.15 -1.76 -31.94
N ILE A 44 -2.29 -1.58 -33.25
CA ILE A 44 -1.28 -2.01 -34.21
C ILE A 44 -0.41 -0.81 -34.58
N ALA A 45 0.90 -0.99 -34.54
CA ALA A 45 1.84 0.05 -34.95
C ALA A 45 3.11 -0.59 -35.49
N GLY A 46 3.68 0.02 -36.54
CA GLY A 46 5.05 -0.24 -36.96
C GLY A 46 6.04 0.69 -36.26
N GLU A 47 7.33 0.47 -36.52
CA GLU A 47 8.37 1.30 -35.93
C GLU A 47 9.41 1.61 -37.00
N GLY A 48 10.22 2.63 -36.74
CA GLY A 48 11.30 2.94 -37.67
C GLY A 48 10.76 3.39 -39.01
N GLU A 49 11.22 2.74 -40.07
CA GLU A 49 10.72 3.04 -41.41
C GLU A 49 9.25 2.66 -41.59
N HIS A 50 8.70 1.81 -40.73
CA HIS A 50 7.29 1.44 -40.80
C HIS A 50 6.45 2.17 -39.76
N ALA A 51 6.94 3.28 -39.22
CA ALA A 51 6.19 3.98 -38.18
C ALA A 51 4.87 4.53 -38.70
N GLY A 52 4.72 4.66 -40.03
CA GLY A 52 3.45 5.07 -40.61
C GLY A 52 2.37 4.00 -40.63
N ILE A 53 2.67 2.76 -40.28
CA ILE A 53 1.64 1.73 -40.22
C ILE A 53 0.99 1.80 -38.84
N LYS A 54 -0.29 2.15 -38.82
CA LYS A 54 -1.04 2.38 -37.59
C LYS A 54 -2.46 1.87 -37.76
N GLY A 55 -3.01 1.24 -36.72
CA GLY A 55 -4.39 0.80 -36.80
C GLY A 55 -4.81 0.14 -35.51
N SER A 56 -5.99 -0.47 -35.56
CA SER A 56 -6.46 -1.22 -34.41
C SER A 56 -7.42 -2.30 -34.87
N LEU A 57 -7.58 -3.30 -34.01
CA LEU A 57 -8.50 -4.39 -34.21
C LEU A 57 -9.29 -4.56 -32.92
N THR A 58 -10.57 -4.90 -33.06
CA THR A 58 -11.41 -5.27 -31.94
C THR A 58 -11.83 -6.72 -32.09
N PHE A 59 -11.73 -7.48 -31.01
CA PHE A 59 -12.10 -8.88 -30.94
C PHE A 59 -13.34 -8.98 -30.06
N LEU A 60 -14.39 -9.65 -30.56
CA LEU A 60 -15.60 -9.76 -29.77
C LEU A 60 -16.10 -11.20 -29.77
N GLN A 61 -16.28 -11.75 -28.58
CA GLN A 61 -16.76 -13.12 -28.40
C GLN A 61 -17.86 -13.09 -27.36
N LYS A 62 -19.07 -13.46 -27.78
CA LYS A 62 -20.23 -13.30 -26.92
C LYS A 62 -20.30 -14.35 -25.82
N SER A 63 -19.79 -15.55 -26.07
CA SER A 63 -19.94 -16.64 -25.13
C SER A 63 -18.78 -17.60 -25.32
N LEU A 64 -18.52 -18.38 -24.26
CA LEU A 64 -17.49 -19.40 -24.26
C LEU A 64 -17.48 -20.22 -25.55
N ASP A 65 -18.65 -20.66 -25.99
CA ASP A 65 -18.73 -21.53 -27.16
C ASP A 65 -18.90 -20.76 -28.47
N GLY A 66 -18.83 -19.43 -28.45
CA GLY A 66 -19.20 -18.64 -29.59
C GLY A 66 -18.07 -18.37 -30.56
N ARG A 67 -18.44 -17.93 -31.76
CA ARG A 67 -17.42 -17.45 -32.66
C ARG A 67 -16.89 -16.11 -32.14
N THR A 68 -15.71 -15.75 -32.61
CA THR A 68 -15.11 -14.46 -32.33
C THR A 68 -15.17 -13.62 -33.58
N VAL A 69 -15.64 -12.38 -33.45
N VAL A 69 -15.70 -12.41 -33.50
CA VAL A 69 -15.71 -11.41 -34.53
CA VAL A 69 -15.66 -11.51 -34.65
C VAL A 69 -14.50 -10.50 -34.43
C VAL A 69 -14.50 -10.56 -34.46
N ILE A 70 -13.82 -10.27 -35.56
CA ILE A 70 -12.63 -9.44 -35.59
C ILE A 70 -12.84 -8.34 -36.62
N ASN A 71 -12.74 -7.09 -36.18
CA ASN A 71 -13.02 -5.93 -37.01
C ASN A 71 -11.94 -4.90 -36.75
N GLY A 72 -11.53 -4.19 -37.78
CA GLY A 72 -10.60 -3.10 -37.58
C GLY A 72 -10.21 -2.47 -38.89
N THR A 73 -9.35 -1.48 -38.78
CA THR A 73 -8.72 -0.85 -39.94
C THR A 73 -7.25 -0.64 -39.64
N ILE A 74 -6.43 -0.77 -40.67
CA ILE A 74 -5.04 -0.36 -40.60
C ILE A 74 -4.76 0.55 -41.79
N SER A 75 -4.01 1.60 -41.56
CA SER A 75 -3.60 2.49 -42.63
C SER A 75 -2.08 2.44 -42.76
N GLY A 76 -1.58 2.90 -43.91
CA GLY A 76 -0.14 2.96 -44.18
C GLY A 76 0.50 1.67 -44.64
N LEU A 77 -0.28 0.65 -45.01
CA LEU A 77 0.32 -0.62 -45.39
C LEU A 77 0.71 -0.63 -46.87
N PRO A 78 1.71 -1.44 -47.23
CA PRO A 78 1.92 -1.74 -48.66
C PRO A 78 0.75 -2.51 -49.24
N GLU A 79 0.35 -2.14 -50.45
CA GLU A 79 -0.76 -2.80 -51.13
C GLU A 79 -0.52 -4.30 -51.23
N GLY A 80 -1.60 -5.07 -51.12
CA GLY A 80 -1.57 -6.51 -51.28
C GLY A 80 -1.92 -7.22 -49.99
N LYS A 81 -1.77 -8.55 -50.03
CA LYS A 81 -2.13 -9.38 -48.89
C LYS A 81 -0.99 -9.43 -47.87
N HIS A 82 -1.37 -9.56 -46.61
CA HIS A 82 -0.41 -9.67 -45.51
C HIS A 82 -0.92 -10.71 -44.52
N GLY A 83 -0.05 -11.64 -44.14
CA GLY A 83 -0.41 -12.59 -43.11
C GLY A 83 -0.72 -11.90 -41.78
N LEU A 84 -1.68 -12.47 -41.07
CA LEU A 84 -2.20 -11.94 -39.82
C LEU A 84 -2.18 -13.10 -38.82
N HIS A 85 -1.26 -13.05 -37.86
CA HIS A 85 -1.01 -14.21 -37.00
C HIS A 85 -0.89 -13.75 -35.56
N ILE A 86 -1.34 -14.61 -34.65
CA ILE A 86 -1.12 -14.42 -33.23
C ILE A 86 0.07 -15.25 -32.80
N HIS A 87 1.07 -14.60 -32.23
CA HIS A 87 2.32 -15.24 -31.86
C HIS A 87 2.20 -15.85 -30.47
N ASP A 88 3.06 -16.85 -30.20
CA ASP A 88 3.10 -17.45 -28.87
C ASP A 88 3.57 -16.48 -27.79
N SER A 89 4.43 -15.53 -28.14
CA SER A 89 4.93 -14.56 -27.17
C SER A 89 4.02 -13.33 -27.13
N GLY A 90 3.89 -12.72 -25.96
CA GLY A 90 3.36 -11.37 -25.85
C GLY A 90 4.39 -10.31 -25.54
N ASP A 91 5.68 -10.63 -25.65
CA ASP A 91 6.76 -9.80 -25.13
C ASP A 91 7.07 -8.68 -26.14
N MET A 92 6.79 -7.44 -25.77
CA MET A 92 7.10 -6.32 -26.63
C MET A 92 8.16 -5.41 -26.05
N THR A 93 8.98 -5.91 -25.14
CA THR A 93 10.05 -5.07 -24.62
C THR A 93 11.06 -4.70 -25.68
N LYS A 94 11.13 -5.45 -26.78
CA LYS A 94 12.00 -5.15 -27.90
C LYS A 94 11.20 -4.66 -29.11
N GLY A 95 10.08 -4.00 -28.86
CA GLY A 95 9.24 -3.58 -29.98
C GLY A 95 8.63 -4.77 -30.70
N CYS A 96 8.49 -4.64 -32.03
N CYS A 96 8.48 -4.63 -32.02
CA CYS A 96 7.98 -5.74 -32.84
CA CYS A 96 7.99 -5.70 -32.87
C CYS A 96 9.06 -6.76 -33.19
C CYS A 96 9.13 -6.63 -33.33
N TYR A 97 10.23 -6.68 -32.57
CA TYR A 97 11.27 -7.70 -32.73
C TYR A 97 11.03 -8.78 -31.69
N ILE A 98 10.75 -9.99 -32.14
CA ILE A 98 10.44 -11.07 -31.22
C ILE A 98 11.72 -11.86 -31.01
N THR A 99 12.22 -11.83 -29.78
CA THR A 99 13.48 -12.51 -29.48
C THR A 99 13.30 -14.02 -29.50
N THR A 100 12.26 -14.53 -28.85
CA THR A 100 12.05 -15.96 -28.74
C THR A 100 11.83 -16.60 -30.12
N ALA A 101 12.20 -17.88 -30.22
CA ALA A 101 12.03 -18.65 -31.45
C ALA A 101 10.73 -19.45 -31.46
N LYS A 102 9.76 -19.06 -30.62
CA LYS A 102 8.65 -19.95 -30.30
C LYS A 102 7.66 -20.11 -31.45
N GLY A 103 7.47 -19.09 -32.29
CA GLY A 103 6.50 -19.22 -33.40
C GLY A 103 5.06 -18.90 -33.02
N HIS A 104 4.15 -19.26 -33.92
CA HIS A 104 2.74 -18.89 -33.77
C HIS A 104 2.12 -19.59 -32.56
N LEU A 105 1.10 -18.93 -32.00
CA LEU A 105 0.39 -19.50 -30.86
C LEU A 105 -0.15 -20.89 -31.21
N ASN A 106 0.33 -21.92 -30.50
CA ASN A 106 0.05 -23.27 -30.97
C ASN A 106 -0.12 -24.27 -29.82
N PRO A 107 -1.10 -24.07 -28.93
CA PRO A 107 -1.21 -24.96 -27.76
C PRO A 107 -1.63 -26.39 -28.10
N PHE A 108 -2.21 -26.63 -29.28
CA PHE A 108 -2.58 -27.98 -29.68
C PHE A 108 -1.55 -28.66 -30.57
N ASN A 109 -0.39 -28.02 -30.75
N ASN A 109 -0.41 -27.99 -30.80
CA ASN A 109 0.75 -28.58 -31.49
CA ASN A 109 0.75 -28.59 -31.47
C ASN A 109 0.32 -29.19 -32.81
C ASN A 109 0.39 -29.17 -32.83
N LEU A 110 -0.28 -28.35 -33.65
CA LEU A 110 -0.63 -28.69 -35.02
C LEU A 110 0.30 -27.93 -35.95
N SER A 111 0.16 -28.18 -37.24
CA SER A 111 1.00 -27.48 -38.21
C SER A 111 0.29 -26.23 -38.76
N HIS A 112 1.05 -25.37 -39.41
CA HIS A 112 0.51 -24.13 -39.90
C HIS A 112 -0.54 -24.39 -40.98
N GLY A 113 -1.68 -23.71 -40.88
CA GLY A 113 -2.71 -23.88 -41.89
C GLY A 113 -3.49 -22.61 -42.17
N ALA A 114 -4.55 -22.74 -42.99
CA ALA A 114 -5.49 -21.66 -43.20
C ALA A 114 -6.47 -21.60 -42.05
N PRO A 115 -7.13 -20.47 -41.83
CA PRO A 115 -8.12 -20.40 -40.74
C PRO A 115 -9.17 -21.48 -40.85
N SER A 116 -9.57 -21.86 -42.06
CA SER A 116 -10.61 -22.85 -42.26
C SER A 116 -10.08 -24.27 -42.20
N ASP A 117 -8.77 -24.46 -42.19
CA ASP A 117 -8.22 -25.79 -42.10
C ASP A 117 -8.38 -26.34 -40.69
N SER A 118 -8.43 -27.67 -40.60
CA SER A 118 -8.46 -28.34 -39.31
C SER A 118 -7.06 -28.48 -38.73
N ALA A 119 -6.05 -28.63 -39.57
CA ALA A 119 -4.65 -28.55 -39.15
C ALA A 119 -4.22 -27.09 -39.27
N ARG A 120 -4.38 -26.34 -38.19
CA ARG A 120 -3.90 -24.96 -38.10
C ARG A 120 -3.40 -24.69 -36.70
N HIS A 121 -2.57 -23.65 -36.58
CA HIS A 121 -2.29 -23.12 -35.26
C HIS A 121 -3.47 -22.29 -34.78
N VAL A 122 -3.63 -22.20 -33.46
CA VAL A 122 -4.62 -21.24 -32.94
C VAL A 122 -4.36 -19.86 -33.52
N GLY A 123 -3.11 -19.46 -33.62
CA GLY A 123 -2.83 -18.13 -34.11
C GLY A 123 -2.94 -17.90 -35.61
N ASP A 124 -3.46 -18.85 -36.40
CA ASP A 124 -3.47 -18.73 -37.86
C ASP A 124 -4.76 -18.04 -38.31
N LEU A 125 -4.70 -16.72 -38.55
CA LEU A 125 -5.88 -15.95 -38.93
C LEU A 125 -5.88 -15.57 -40.42
N GLY A 126 -4.92 -16.07 -41.19
CA GLY A 126 -4.96 -15.93 -42.62
C GLY A 126 -4.27 -14.68 -43.13
N ASN A 127 -4.87 -14.09 -44.16
CA ASN A 127 -4.40 -12.86 -44.79
C ASN A 127 -5.45 -11.77 -44.66
N ILE A 128 -4.95 -10.54 -44.56
CA ILE A 128 -5.77 -9.35 -44.71
C ILE A 128 -5.28 -8.67 -45.98
N TYR A 129 -6.05 -7.72 -46.48
CA TYR A 129 -5.71 -7.07 -47.73
C TYR A 129 -5.68 -5.56 -47.57
N ALA A 130 -4.60 -4.94 -48.06
CA ALA A 130 -4.46 -3.49 -48.08
C ALA A 130 -4.59 -2.98 -49.51
N ASP A 131 -5.45 -1.96 -49.70
CA ASP A 131 -5.67 -1.47 -51.06
C ASP A 131 -4.54 -0.52 -51.45
N ASP A 132 -4.64 0.05 -52.66
CA ASP A 132 -3.56 0.88 -53.16
C ASP A 132 -3.42 2.20 -52.41
N THR A 133 -4.39 2.56 -51.58
CA THR A 133 -4.24 3.71 -50.70
C THR A 133 -3.59 3.34 -49.37
N GLY A 134 -3.21 2.07 -49.19
CA GLY A 134 -2.61 1.60 -47.96
C GLY A 134 -3.58 1.31 -46.83
N ILE A 135 -4.88 1.36 -47.08
CA ILE A 135 -5.91 1.06 -46.08
C ILE A 135 -6.22 -0.42 -46.13
N SER A 136 -6.37 -1.04 -44.97
CA SER A 136 -6.89 -2.39 -44.88
C SER A 136 -8.10 -2.41 -43.96
N VAL A 137 -9.21 -2.94 -44.47
CA VAL A 137 -10.40 -3.16 -43.67
C VAL A 137 -10.36 -4.62 -43.23
N ILE A 138 -10.27 -4.83 -41.93
CA ILE A 138 -10.24 -6.18 -41.38
C ILE A 138 -11.65 -6.56 -40.99
N ASN A 139 -12.08 -7.72 -41.43
CA ASN A 139 -13.47 -8.09 -41.28
C ASN A 139 -13.49 -9.61 -41.35
N LEU A 140 -13.54 -10.27 -40.20
CA LEU A 140 -13.47 -11.71 -40.24
C LEU A 140 -14.04 -12.28 -38.96
N THR A 141 -14.32 -13.59 -39.01
CA THR A 141 -14.81 -14.34 -37.87
C THR A 141 -13.98 -15.60 -37.73
N ASP A 142 -13.78 -16.04 -36.50
CA ASP A 142 -12.96 -17.20 -36.22
C ASP A 142 -13.62 -18.04 -35.15
N THR A 143 -13.47 -19.36 -35.25
CA THR A 143 -14.08 -20.26 -34.28
C THR A 143 -13.04 -21.01 -33.46
N VAL A 144 -11.76 -20.70 -33.60
CA VAL A 144 -10.71 -21.43 -32.92
C VAL A 144 -10.12 -20.63 -31.76
N ILE A 145 -9.87 -19.34 -31.97
CA ILE A 145 -9.33 -18.50 -30.90
C ILE A 145 -10.37 -18.30 -29.79
N SER A 146 -9.90 -17.97 -28.60
CA SER A 146 -10.79 -17.66 -27.50
C SER A 146 -10.35 -16.40 -26.81
N LEU A 147 -11.32 -15.60 -26.39
CA LEU A 147 -11.11 -14.46 -25.51
C LEU A 147 -11.38 -14.79 -24.06
N PHE A 148 -11.79 -16.03 -23.78
CA PHE A 148 -11.98 -16.64 -22.47
C PHE A 148 -10.76 -17.50 -22.14
N PRO A 149 -10.41 -17.63 -20.85
CA PRO A 149 -9.18 -18.38 -20.49
C PRO A 149 -9.26 -19.88 -20.68
N THR A 150 -9.70 -20.33 -21.86
CA THR A 150 -9.54 -21.72 -22.29
C THR A 150 -8.13 -21.90 -22.85
N PRO A 151 -7.74 -23.13 -23.21
CA PRO A 151 -6.41 -23.31 -23.83
C PRO A 151 -6.21 -22.52 -25.13
N ALA A 152 -7.28 -22.06 -25.79
CA ALA A 152 -7.13 -21.26 -27.00
C ALA A 152 -7.08 -19.74 -26.72
N PHE A 153 -6.96 -19.36 -25.45
CA PHE A 153 -6.83 -17.95 -25.02
C PHE A 153 -5.79 -17.22 -25.85
N VAL A 154 -6.15 -16.06 -26.41
CA VAL A 154 -5.21 -15.26 -27.19
C VAL A 154 -4.87 -13.93 -26.52
N ILE A 155 -5.46 -13.62 -25.37
CA ILE A 155 -5.17 -12.35 -24.73
C ILE A 155 -3.77 -12.39 -24.14
N GLY A 156 -3.07 -11.27 -24.23
CA GLY A 156 -1.72 -11.22 -23.73
C GLY A 156 -0.67 -11.72 -24.69
N ARG A 157 -1.03 -11.94 -25.96
CA ARG A 157 -0.10 -12.38 -27.01
C ARG A 157 -0.03 -11.29 -28.09
N ILE A 158 1.04 -11.34 -28.90
CA ILE A 158 1.26 -10.34 -29.92
C ILE A 158 0.51 -10.75 -31.19
N LEU A 159 -0.26 -9.83 -31.76
CA LEU A 159 -0.81 -10.00 -33.10
C LEU A 159 0.15 -9.37 -34.10
N VAL A 160 0.51 -10.12 -35.15
CA VAL A 160 1.54 -9.73 -36.10
C VAL A 160 0.89 -9.48 -37.47
N ILE A 161 1.30 -8.41 -38.15
CA ILE A 161 1.00 -8.21 -39.56
C ILE A 161 2.29 -8.41 -40.34
N HIS A 162 2.30 -9.39 -41.24
CA HIS A 162 3.52 -9.78 -41.91
C HIS A 162 3.79 -8.96 -43.16
N THR A 163 5.04 -9.02 -43.60
CA THR A 163 5.48 -8.30 -44.79
C THR A 163 4.70 -8.75 -46.02
N THR A 164 4.56 -10.06 -46.21
CA THR A 164 3.88 -10.55 -47.39
C THR A 164 2.81 -11.56 -46.99
N TYR A 165 2.31 -12.28 -47.97
CA TYR A 165 1.11 -13.06 -47.76
C TYR A 165 1.41 -14.41 -47.12
N ASP A 166 0.45 -14.89 -46.34
CA ASP A 166 0.46 -16.23 -45.77
C ASP A 166 0.07 -17.21 -46.87
N ASP A 167 0.92 -18.20 -47.15
CA ASP A 167 0.58 -19.17 -48.19
C ASP A 167 -0.27 -20.32 -47.68
N LEU A 168 -0.74 -20.22 -46.44
CA LEU A 168 -1.71 -21.14 -45.86
C LEU A 168 -1.19 -22.57 -45.75
N GLY A 169 0.13 -22.73 -45.71
CA GLY A 169 0.75 -24.03 -45.63
C GLY A 169 0.80 -24.80 -46.93
N ARG A 170 0.58 -24.13 -48.06
CA ARG A 170 0.45 -24.78 -49.36
C ARG A 170 1.52 -24.37 -50.37
N GLY A 171 2.54 -23.62 -49.93
CA GLY A 171 3.52 -23.07 -50.84
C GLY A 171 4.69 -23.96 -51.20
N GLY A 172 4.84 -25.11 -50.55
CA GLY A 172 5.94 -25.99 -50.90
C GLY A 172 7.30 -25.52 -50.44
N SER A 173 7.33 -24.47 -49.65
CA SER A 173 8.51 -23.99 -48.95
C SER A 173 8.73 -24.83 -47.69
N PRO A 174 9.97 -25.00 -47.25
CA PRO A 174 10.20 -25.73 -46.00
C PRO A 174 9.55 -25.09 -44.79
N VAL A 175 9.31 -23.77 -44.82
CA VAL A 175 8.66 -23.08 -43.71
C VAL A 175 7.18 -22.83 -43.99
N SER A 176 6.66 -23.39 -45.09
N SER A 176 6.65 -23.37 -45.09
CA SER A 176 5.24 -23.23 -45.41
CA SER A 176 5.23 -23.22 -45.41
C SER A 176 4.35 -23.79 -44.31
C SER A 176 4.37 -23.78 -44.28
N LYS A 177 4.71 -24.97 -43.78
CA LYS A 177 3.94 -25.58 -42.69
C LYS A 177 4.39 -25.12 -41.31
N VAL A 178 5.36 -24.22 -41.23
CA VAL A 178 5.74 -23.62 -39.96
C VAL A 178 5.02 -22.29 -39.74
N ASN A 179 4.95 -21.46 -40.76
CA ASN A 179 4.33 -20.16 -40.60
C ASN A 179 3.76 -19.58 -41.90
N GLY A 180 3.62 -20.36 -42.96
CA GLY A 180 3.07 -19.82 -44.19
C GLY A 180 4.02 -18.95 -44.99
N ASN A 181 5.27 -18.84 -44.56
CA ASN A 181 6.30 -18.17 -45.34
C ASN A 181 5.93 -16.72 -45.66
N ALA A 182 5.37 -16.03 -44.68
CA ALA A 182 4.87 -14.69 -44.93
C ALA A 182 5.93 -13.62 -44.68
N GLY A 183 7.18 -14.01 -44.38
CA GLY A 183 8.25 -13.03 -44.28
C GLY A 183 8.35 -12.36 -42.93
N GLY A 184 8.88 -11.14 -42.91
CA GLY A 184 9.11 -10.41 -41.68
C GLY A 184 7.82 -9.80 -41.13
N ARG A 185 8.00 -8.98 -40.11
N ARG A 185 8.00 -8.91 -40.16
CA ARG A 185 6.90 -8.29 -39.46
CA ARG A 185 6.86 -8.33 -39.44
C ARG A 185 6.91 -6.84 -39.89
C ARG A 185 6.82 -6.82 -39.65
N LEU A 186 5.74 -6.33 -40.25
CA LEU A 186 5.56 -4.91 -40.50
C LEU A 186 5.07 -4.18 -39.26
N ALA A 187 4.23 -4.84 -38.48
CA ALA A 187 3.52 -4.14 -37.43
C ALA A 187 2.98 -5.17 -36.47
N CYS A 188 2.78 -4.76 -35.22
N CYS A 188 2.82 -4.75 -35.22
CA CYS A 188 2.31 -5.71 -34.22
CA CYS A 188 2.51 -5.64 -34.10
C CYS A 188 1.64 -4.96 -33.09
C CYS A 188 1.56 -4.93 -33.15
N GLY A 189 0.91 -5.70 -32.28
CA GLY A 189 0.22 -5.13 -31.13
C GLY A 189 -0.18 -6.25 -30.18
N ILE A 190 -0.26 -5.95 -28.88
CA ILE A 190 -0.68 -6.94 -27.90
C ILE A 190 -2.20 -7.00 -27.84
N ILE A 191 -2.75 -8.20 -27.87
CA ILE A 191 -4.20 -8.36 -27.69
C ILE A 191 -4.52 -8.25 -26.20
N SER A 192 -5.39 -7.30 -25.84
CA SER A 192 -5.63 -7.10 -24.42
C SER A 192 -7.08 -6.71 -24.20
N TYR A 193 -7.43 -6.57 -22.93
CA TYR A 193 -8.83 -6.38 -22.56
C TYR A 193 -9.21 -4.93 -22.77
N VAL A 194 -10.43 -4.73 -23.26
CA VAL A 194 -10.93 -3.39 -23.45
C VAL A 194 -11.19 -2.75 -22.09
N ASN B 31 -5.60 -27.51 -18.53
CA ASN B 31 -5.54 -26.17 -19.07
C ASN B 31 -4.24 -25.51 -18.63
N TYR B 32 -3.31 -25.33 -19.58
CA TYR B 32 -1.94 -24.94 -19.26
C TYR B 32 -1.83 -23.52 -18.74
N LEU B 33 -2.86 -22.69 -18.95
CA LEU B 33 -2.86 -21.35 -18.36
C LEU B 33 -2.87 -21.39 -16.83
N PHE B 34 -3.22 -22.53 -16.22
CA PHE B 34 -3.25 -22.65 -14.76
C PHE B 34 -2.16 -23.55 -14.18
N ARG B 35 -1.15 -23.91 -14.97
CA ARG B 35 -0.11 -24.84 -14.54
C ARG B 35 1.28 -24.19 -14.64
N GLY B 36 2.28 -24.90 -14.10
CA GLY B 36 3.69 -24.52 -14.18
C GLY B 36 3.88 -23.11 -13.73
N PRO B 37 5.09 -22.58 -13.89
CA PRO B 37 5.31 -21.17 -13.57
C PRO B 37 4.91 -20.27 -14.74
N VAL B 38 4.37 -19.11 -14.42
CA VAL B 38 3.96 -18.14 -15.43
C VAL B 38 4.89 -16.94 -15.36
N THR B 39 5.39 -16.53 -16.52
CA THR B 39 6.22 -15.35 -16.66
C THR B 39 5.48 -14.34 -17.54
N ALA B 40 5.40 -13.11 -17.07
CA ALA B 40 4.77 -12.02 -17.79
C ALA B 40 5.72 -10.84 -17.84
N VAL B 41 5.49 -9.94 -18.79
N VAL B 41 5.46 -9.94 -18.79
CA VAL B 41 6.31 -8.74 -18.93
CA VAL B 41 6.28 -8.75 -18.99
C VAL B 41 5.41 -7.56 -19.27
C VAL B 41 5.38 -7.55 -19.23
N ALA B 42 5.90 -6.36 -18.95
CA ALA B 42 5.29 -5.11 -19.37
C ALA B 42 6.38 -4.23 -19.95
N ALA B 43 6.21 -3.83 -21.21
CA ALA B 43 7.09 -2.86 -21.85
C ALA B 43 6.50 -1.47 -21.58
N ILE B 44 7.23 -0.67 -20.83
CA ILE B 44 6.74 0.61 -20.36
C ILE B 44 7.33 1.70 -21.26
N ALA B 45 6.47 2.61 -21.74
CA ALA B 45 6.89 3.71 -22.60
C ALA B 45 5.99 4.91 -22.38
N GLY B 46 6.58 6.11 -22.41
CA GLY B 46 5.82 7.34 -22.55
C GLY B 46 5.72 7.73 -24.01
N GLU B 47 5.02 8.84 -24.25
CA GLU B 47 4.89 9.41 -25.61
C GLU B 47 4.92 10.93 -25.55
N GLY B 48 5.20 11.55 -26.68
CA GLY B 48 5.20 13.01 -26.74
C GLY B 48 6.37 13.62 -25.98
N GLU B 49 6.06 14.55 -25.07
CA GLU B 49 7.12 15.15 -24.25
C GLU B 49 7.79 14.13 -23.33
N HIS B 50 7.22 12.94 -23.17
CA HIS B 50 7.79 11.93 -22.29
C HIS B 50 8.19 10.68 -23.07
N ALA B 51 8.50 10.84 -24.36
CA ALA B 51 8.89 9.66 -25.12
C ALA B 51 10.25 9.13 -24.68
N GLY B 52 11.00 9.89 -23.89
CA GLY B 52 12.21 9.38 -23.30
C GLY B 52 12.01 8.44 -22.12
N ILE B 53 10.78 8.30 -21.64
CA ILE B 53 10.52 7.36 -20.55
C ILE B 53 10.40 5.97 -21.16
N LYS B 54 11.28 5.06 -20.74
CA LYS B 54 11.35 3.72 -21.30
C LYS B 54 11.73 2.76 -20.18
N GLY B 55 11.08 1.61 -20.13
CA GLY B 55 11.45 0.63 -19.13
C GLY B 55 10.76 -0.69 -19.39
N SER B 56 11.08 -1.66 -18.55
CA SER B 56 10.36 -2.92 -18.60
C SER B 56 10.32 -3.54 -17.22
N LEU B 57 9.28 -4.31 -16.97
CA LEU B 57 9.15 -5.08 -15.74
C LEU B 57 8.85 -6.53 -16.09
N THR B 58 9.42 -7.44 -15.30
CA THR B 58 9.12 -8.87 -15.40
C THR B 58 8.33 -9.29 -14.18
N PHE B 59 7.31 -10.12 -14.40
CA PHE B 59 6.47 -10.70 -13.36
C PHE B 59 6.67 -12.21 -13.39
N LEU B 60 6.94 -12.80 -12.23
CA LEU B 60 7.15 -14.24 -12.11
C LEU B 60 6.28 -14.78 -10.98
N GLN B 61 5.45 -15.76 -11.29
CA GLN B 61 4.60 -16.42 -10.32
C GLN B 61 4.71 -17.92 -10.57
N LYS B 62 5.36 -18.63 -9.64
CA LYS B 62 5.69 -20.04 -9.85
C LYS B 62 4.49 -20.97 -9.72
N SER B 63 3.49 -20.59 -8.94
CA SER B 63 2.34 -21.45 -8.76
C SER B 63 1.10 -20.60 -8.59
N LEU B 64 -0.03 -21.13 -9.05
CA LEU B 64 -1.31 -20.52 -8.71
C LEU B 64 -1.40 -20.27 -7.20
N ASP B 65 -1.89 -19.10 -6.84
CA ASP B 65 -1.95 -18.58 -5.47
C ASP B 65 -0.58 -18.43 -4.81
N GLY B 66 0.51 -18.62 -5.54
CA GLY B 66 1.81 -18.30 -4.99
C GLY B 66 2.08 -16.81 -5.07
N ARG B 67 3.18 -16.39 -4.46
CA ARG B 67 3.56 -14.98 -4.53
C ARG B 67 4.00 -14.63 -5.96
N THR B 68 3.91 -13.35 -6.31
CA THR B 68 4.40 -12.86 -7.59
C THR B 68 5.58 -11.93 -7.34
N VAL B 69 6.71 -12.19 -8.03
CA VAL B 69 7.92 -11.39 -7.89
C VAL B 69 8.05 -10.50 -9.12
N ILE B 70 8.29 -9.21 -8.88
CA ILE B 70 8.32 -8.18 -9.91
C ILE B 70 9.69 -7.52 -9.90
N ASN B 71 10.33 -7.43 -11.07
CA ASN B 71 11.66 -6.84 -11.19
C ASN B 71 11.80 -6.09 -12.51
N GLY B 72 12.48 -4.96 -12.46
CA GLY B 72 12.80 -4.24 -13.67
C GLY B 72 13.31 -2.86 -13.33
N THR B 73 13.42 -2.03 -14.37
CA THR B 73 13.89 -0.66 -14.24
C THR B 73 13.12 0.20 -15.23
N ILE B 74 13.04 1.48 -14.91
CA ILE B 74 12.48 2.49 -15.79
C ILE B 74 13.45 3.67 -15.81
N SER B 75 13.62 4.26 -16.98
CA SER B 75 14.57 5.34 -17.13
C SER B 75 13.85 6.57 -17.66
N GLY B 76 14.46 7.73 -17.44
CA GLY B 76 13.93 8.97 -17.99
C GLY B 76 12.83 9.61 -17.19
N LEU B 77 12.70 9.29 -15.95
CA LEU B 77 11.58 9.83 -15.18
C LEU B 77 11.99 11.10 -14.44
N PRO B 78 11.05 12.02 -14.24
CA PRO B 78 11.30 13.13 -13.31
C PRO B 78 11.55 12.59 -11.91
N GLU B 79 12.51 13.20 -11.22
N GLU B 79 12.52 13.21 -11.21
CA GLU B 79 12.88 12.78 -9.87
CA GLU B 79 12.91 12.77 -9.88
C GLU B 79 11.66 12.76 -8.96
C GLU B 79 11.73 12.82 -8.92
N GLY B 80 11.66 11.83 -8.03
CA GLY B 80 10.62 11.75 -7.02
C GLY B 80 9.81 10.47 -7.16
N LYS B 81 8.76 10.40 -6.34
CA LYS B 81 7.91 9.23 -6.26
C LYS B 81 6.78 9.29 -7.28
N HIS B 82 6.42 8.12 -7.81
CA HIS B 82 5.39 8.02 -8.84
C HIS B 82 4.49 6.83 -8.55
N GLY B 83 3.19 7.08 -8.59
CA GLY B 83 2.24 5.99 -8.37
C GLY B 83 2.38 4.93 -9.46
N LEU B 84 2.21 3.68 -9.07
CA LEU B 84 2.34 2.54 -9.98
C LEU B 84 1.11 1.67 -9.79
N HIS B 85 0.24 1.62 -10.80
CA HIS B 85 -1.05 0.98 -10.67
C HIS B 85 -1.38 0.20 -11.93
N ILE B 86 -2.06 -0.93 -11.75
CA ILE B 86 -2.66 -1.67 -12.86
C ILE B 86 -4.09 -1.16 -13.02
N HIS B 87 -4.42 -0.71 -14.22
CA HIS B 87 -5.74 -0.16 -14.45
C HIS B 87 -6.71 -1.25 -14.91
N ASP B 88 -7.99 -0.92 -14.87
N ASP B 88 -7.99 -0.92 -14.90
CA ASP B 88 -9.04 -1.89 -15.24
CA ASP B 88 -9.03 -1.89 -15.22
C ASP B 88 -9.04 -2.18 -16.72
C ASP B 88 -9.22 -2.06 -16.72
N SER B 89 -8.56 -1.26 -17.54
CA SER B 89 -8.56 -1.41 -19.00
C SER B 89 -7.18 -1.80 -19.50
N GLY B 90 -7.14 -2.61 -20.55
CA GLY B 90 -5.91 -2.86 -21.28
C GLY B 90 -5.87 -2.18 -22.64
N ASP B 91 -6.76 -1.26 -22.90
CA ASP B 91 -6.95 -0.71 -24.25
C ASP B 91 -5.93 0.41 -24.49
N MET B 92 -4.96 0.16 -25.36
CA MET B 92 -3.98 1.16 -25.75
C MET B 92 -4.30 1.84 -27.07
N THR B 93 -5.52 1.66 -27.59
CA THR B 93 -5.78 2.13 -28.94
C THR B 93 -5.96 3.64 -29.02
N LYS B 94 -6.13 4.33 -27.87
CA LYS B 94 -6.17 5.79 -27.87
C LYS B 94 -4.89 6.37 -27.27
N GLY B 95 -3.82 5.60 -27.24
CA GLY B 95 -2.59 6.06 -26.63
C GLY B 95 -2.60 5.94 -25.13
N CYS B 96 -1.44 6.28 -24.57
N CYS B 96 -1.45 6.25 -24.53
CA CYS B 96 -1.18 6.17 -23.14
CA CYS B 96 -1.35 6.10 -23.08
C CYS B 96 -1.89 7.26 -22.35
C CYS B 96 -2.00 7.26 -22.34
N TYR B 97 -1.99 8.47 -22.91
CA TYR B 97 -2.28 9.67 -22.14
C TYR B 97 -3.75 10.07 -22.11
N ILE B 98 -4.65 9.12 -22.32
CA ILE B 98 -6.06 9.41 -22.15
C ILE B 98 -6.38 9.76 -20.69
N THR B 99 -7.46 10.52 -20.49
CA THR B 99 -8.01 10.77 -19.16
C THR B 99 -9.39 10.14 -19.01
N THR B 100 -9.66 9.09 -19.81
CA THR B 100 -10.94 8.39 -19.88
C THR B 100 -10.94 7.08 -19.10
N ALA B 101 -9.76 6.56 -18.75
CA ALA B 101 -9.66 5.23 -18.15
C ALA B 101 -8.90 5.27 -16.82
N LYS B 102 -9.39 6.06 -15.86
CA LYS B 102 -8.64 6.25 -14.63
C LYS B 102 -8.90 5.17 -13.57
N GLY B 103 -9.76 4.20 -13.87
CA GLY B 103 -10.14 3.20 -12.88
C GLY B 103 -9.10 2.10 -12.68
N HIS B 104 -8.69 1.89 -11.44
CA HIS B 104 -7.76 0.83 -11.13
C HIS B 104 -8.45 -0.52 -11.22
N LEU B 105 -7.67 -1.56 -11.55
CA LEU B 105 -8.14 -2.95 -11.50
C LEU B 105 -8.70 -3.28 -10.12
N ASN B 106 -10.01 -3.52 -10.01
CA ASN B 106 -10.66 -3.65 -8.71
C ASN B 106 -11.81 -4.67 -8.75
N PRO B 107 -11.52 -5.92 -9.12
CA PRO B 107 -12.60 -6.92 -9.18
C PRO B 107 -13.25 -7.22 -7.84
N PHE B 108 -12.64 -6.85 -6.72
CA PHE B 108 -13.19 -7.14 -5.40
C PHE B 108 -13.86 -5.93 -4.77
N ASN B 109 -13.95 -4.81 -5.50
N ASN B 109 -13.99 -4.84 -5.52
CA ASN B 109 -14.78 -3.68 -5.09
CA ASN B 109 -14.76 -3.66 -5.10
C ASN B 109 -14.37 -3.11 -3.73
C ASN B 109 -14.36 -3.20 -3.69
N LEU B 110 -13.08 -2.94 -3.53
CA LEU B 110 -12.55 -2.34 -2.31
C LEU B 110 -12.08 -0.94 -2.65
N SER B 111 -11.66 -0.20 -1.64
CA SER B 111 -11.18 1.15 -1.85
C SER B 111 -9.68 1.14 -2.12
N HIS B 112 -9.19 2.24 -2.69
CA HIS B 112 -7.77 2.38 -2.97
C HIS B 112 -6.94 2.35 -1.68
N GLY B 113 -5.77 1.71 -1.75
CA GLY B 113 -4.88 1.67 -0.60
C GLY B 113 -3.45 1.43 -1.01
N ALA B 114 -2.58 1.28 0.00
CA ALA B 114 -1.20 0.88 -0.22
C ALA B 114 -1.13 -0.62 -0.47
N PRO B 115 -0.04 -1.10 -1.10
CA PRO B 115 0.06 -2.55 -1.38
C PRO B 115 -0.05 -3.41 -0.15
N SER B 116 0.42 -2.92 1.00
CA SER B 116 0.35 -3.65 2.25
C SER B 116 -0.97 -3.45 2.99
N ASP B 117 -1.80 -2.49 2.57
CA ASP B 117 -3.06 -2.28 3.26
C ASP B 117 -3.99 -3.47 3.02
N SER B 118 -4.90 -3.69 3.96
CA SER B 118 -5.89 -4.75 3.76
C SER B 118 -6.95 -4.33 2.75
N ALA B 119 -7.39 -3.08 2.82
CA ALA B 119 -8.33 -2.54 1.83
C ALA B 119 -7.48 -1.94 0.71
N ARG B 120 -7.40 -2.64 -0.42
CA ARG B 120 -6.69 -2.11 -1.57
C ARG B 120 -7.33 -2.66 -2.83
N HIS B 121 -6.99 -2.05 -3.95
CA HIS B 121 -7.32 -2.58 -5.26
C HIS B 121 -6.31 -3.67 -5.64
N VAL B 122 -6.75 -4.63 -6.45
CA VAL B 122 -5.76 -5.56 -7.01
C VAL B 122 -4.63 -4.77 -7.66
N GLY B 123 -4.96 -3.71 -8.39
CA GLY B 123 -3.91 -3.02 -9.10
C GLY B 123 -3.06 -2.05 -8.31
N ASP B 124 -3.20 -1.96 -6.98
CA ASP B 124 -2.49 -0.96 -6.17
C ASP B 124 -1.08 -1.47 -5.83
N LEU B 125 -0.08 -1.00 -6.56
CA LEU B 125 1.31 -1.40 -6.32
C LEU B 125 2.14 -0.29 -5.70
N GLY B 126 1.51 0.77 -5.18
CA GLY B 126 2.23 1.77 -4.43
C GLY B 126 2.95 2.83 -5.24
N ASN B 127 4.15 3.18 -4.79
CA ASN B 127 4.98 4.18 -5.44
C ASN B 127 6.32 3.55 -5.81
N ILE B 128 6.82 3.93 -6.98
CA ILE B 128 8.20 3.70 -7.32
C ILE B 128 8.92 5.02 -7.12
N TYR B 129 10.24 4.97 -7.03
CA TYR B 129 11.02 6.18 -6.81
C TYR B 129 12.06 6.33 -7.90
N ALA B 130 12.11 7.52 -8.49
CA ALA B 130 13.15 7.90 -9.45
C ALA B 130 14.04 8.97 -8.81
N ASP B 131 15.36 8.73 -8.82
CA ASP B 131 16.25 9.74 -8.29
C ASP B 131 16.68 10.72 -9.37
N ASP B 132 17.70 11.53 -9.06
CA ASP B 132 18.16 12.58 -9.96
C ASP B 132 18.66 12.05 -11.30
N THR B 133 19.11 10.78 -11.37
CA THR B 133 19.45 10.18 -12.65
C THR B 133 18.23 9.91 -13.52
N GLY B 134 17.01 9.98 -12.97
CA GLY B 134 15.83 9.58 -13.71
C GLY B 134 15.59 8.08 -13.75
N ILE B 135 16.44 7.30 -13.09
CA ILE B 135 16.34 5.84 -13.05
C ILE B 135 15.50 5.43 -11.85
N SER B 136 14.56 4.53 -12.08
CA SER B 136 13.85 3.89 -11.00
C SER B 136 14.15 2.40 -11.07
N VAL B 137 14.60 1.83 -9.96
CA VAL B 137 14.87 0.40 -9.86
C VAL B 137 13.73 -0.22 -9.08
N ILE B 138 13.10 -1.26 -9.64
CA ILE B 138 11.86 -1.81 -9.07
C ILE B 138 12.07 -3.27 -8.72
N ASN B 139 11.92 -3.61 -7.44
CA ASN B 139 11.94 -5.00 -7.00
C ASN B 139 10.85 -5.15 -5.96
N LEU B 140 9.79 -5.86 -6.32
CA LEU B 140 8.63 -6.00 -5.47
C LEU B 140 8.19 -7.45 -5.47
N THR B 141 7.48 -7.79 -4.39
CA THR B 141 6.77 -9.06 -4.24
C THR B 141 5.35 -8.71 -3.85
N ASP B 142 4.38 -9.34 -4.52
CA ASP B 142 2.97 -9.10 -4.25
C ASP B 142 2.26 -10.44 -4.12
N THR B 143 1.24 -10.49 -3.27
CA THR B 143 0.44 -11.68 -3.12
C THR B 143 -1.01 -11.45 -3.52
N VAL B 144 -1.32 -10.30 -4.09
CA VAL B 144 -2.69 -10.00 -4.46
C VAL B 144 -2.94 -10.20 -5.96
N ILE B 145 -2.02 -9.76 -6.81
CA ILE B 145 -2.18 -9.95 -8.26
C ILE B 145 -1.98 -11.43 -8.63
N SER B 146 -2.49 -11.79 -9.82
CA SER B 146 -2.33 -13.15 -10.32
C SER B 146 -1.89 -13.13 -11.77
N LEU B 147 -0.93 -13.99 -12.12
CA LEU B 147 -0.61 -14.25 -13.51
C LEU B 147 -1.41 -15.42 -14.08
N PHE B 148 -2.29 -16.03 -13.26
CA PHE B 148 -3.21 -17.10 -13.64
C PHE B 148 -4.61 -16.54 -13.73
N PRO B 149 -5.50 -17.09 -14.58
CA PRO B 149 -6.81 -16.46 -14.85
C PRO B 149 -7.85 -16.71 -13.77
N THR B 150 -7.52 -16.35 -12.53
CA THR B 150 -8.48 -16.20 -11.44
C THR B 150 -9.02 -14.76 -11.47
N PRO B 151 -9.97 -14.38 -10.61
CA PRO B 151 -10.43 -12.97 -10.62
C PRO B 151 -9.33 -11.94 -10.39
N ALA B 152 -8.16 -12.30 -9.87
CA ALA B 152 -7.11 -11.31 -9.68
C ALA B 152 -6.16 -11.23 -10.87
N PHE B 153 -6.50 -11.87 -11.98
CA PHE B 153 -5.69 -11.86 -13.20
C PHE B 153 -5.33 -10.44 -13.60
N VAL B 154 -4.04 -10.18 -13.84
CA VAL B 154 -3.61 -8.85 -14.32
C VAL B 154 -3.14 -8.85 -15.76
N ILE B 155 -3.03 -10.00 -16.41
CA ILE B 155 -2.53 -9.98 -17.78
C ILE B 155 -3.59 -9.35 -18.69
N GLY B 156 -3.11 -8.61 -19.70
CA GLY B 156 -4.06 -7.96 -20.58
C GLY B 156 -4.55 -6.62 -20.09
N ARG B 157 -3.99 -6.09 -19.01
CA ARG B 157 -4.34 -4.81 -18.43
C ARG B 157 -3.15 -3.86 -18.52
N ILE B 158 -3.41 -2.56 -18.44
CA ILE B 158 -2.35 -1.57 -18.57
C ILE B 158 -1.77 -1.28 -17.20
N LEU B 159 -0.44 -1.33 -17.10
CA LEU B 159 0.30 -0.83 -15.95
C LEU B 159 0.66 0.64 -16.18
N VAL B 160 0.35 1.49 -15.20
CA VAL B 160 0.43 2.94 -15.36
C VAL B 160 1.48 3.48 -14.39
N ILE B 161 2.33 4.37 -14.89
CA ILE B 161 3.23 5.16 -14.05
C ILE B 161 2.70 6.59 -14.05
N HIS B 162 2.40 7.12 -12.86
CA HIS B 162 1.73 8.41 -12.76
C HIS B 162 2.69 9.59 -12.64
N THR B 163 2.13 10.77 -12.90
CA THR B 163 2.88 12.03 -12.82
C THR B 163 3.51 12.21 -11.45
N THR B 164 2.76 11.99 -10.38
CA THR B 164 3.32 12.23 -9.06
C THR B 164 2.93 11.07 -8.16
N TYR B 165 3.02 11.29 -6.86
CA TYR B 165 2.99 10.17 -5.94
C TYR B 165 1.57 9.72 -5.65
N ASP B 166 1.44 8.44 -5.35
CA ASP B 166 0.22 7.85 -4.81
C ASP B 166 0.16 8.18 -3.33
N ASP B 167 -0.94 8.80 -2.89
CA ASP B 167 -1.02 9.15 -1.47
C ASP B 167 -1.51 7.99 -0.62
N LEU B 168 -1.68 6.82 -1.24
CA LEU B 168 -2.00 5.57 -0.53
C LEU B 168 -3.34 5.65 0.19
N GLY B 169 -4.24 6.49 -0.29
CA GLY B 169 -5.52 6.67 0.34
C GLY B 169 -5.53 7.52 1.58
N ARG B 170 -4.46 8.25 1.86
CA ARG B 170 -4.34 9.06 3.08
C ARG B 170 -4.17 10.53 2.74
N GLY B 171 -4.78 11.00 1.66
CA GLY B 171 -4.41 12.30 1.13
C GLY B 171 -5.41 13.45 1.25
N GLY B 172 -6.65 13.17 1.63
CA GLY B 172 -7.62 14.23 1.82
C GLY B 172 -8.26 14.79 0.55
N SER B 173 -7.71 14.51 -0.63
CA SER B 173 -8.40 14.84 -1.86
C SER B 173 -9.62 13.92 -2.03
N PRO B 174 -10.66 14.38 -2.73
CA PRO B 174 -11.85 13.51 -2.91
C PRO B 174 -11.57 12.25 -3.72
N VAL B 175 -10.45 12.16 -4.45
CA VAL B 175 -10.10 10.92 -5.12
C VAL B 175 -8.99 10.16 -4.39
N SER B 176 -8.69 10.52 -3.13
N SER B 176 -8.69 10.52 -3.13
CA SER B 176 -7.66 9.80 -2.39
CA SER B 176 -7.65 9.79 -2.40
C SER B 176 -8.01 8.33 -2.24
C SER B 176 -8.01 8.32 -2.23
N LYS B 177 -9.28 8.03 -1.91
CA LYS B 177 -9.74 6.65 -1.74
C LYS B 177 -10.19 6.02 -3.06
N VAL B 178 -10.17 6.77 -4.15
CA VAL B 178 -10.50 6.23 -5.46
C VAL B 178 -9.23 5.81 -6.21
N ASN B 179 -8.17 6.63 -6.16
CA ASN B 179 -6.96 6.29 -6.91
C ASN B 179 -5.68 6.85 -6.32
N GLY B 180 -5.70 7.41 -5.11
CA GLY B 180 -4.49 7.93 -4.51
C GLY B 180 -4.02 9.26 -5.04
N ASN B 181 -4.81 9.90 -5.89
CA ASN B 181 -4.58 11.28 -6.32
C ASN B 181 -3.19 11.45 -6.90
N ALA B 182 -2.80 10.57 -7.82
CA ALA B 182 -1.45 10.55 -8.36
C ALA B 182 -1.32 11.29 -9.67
N GLY B 183 -2.35 12.02 -10.09
CA GLY B 183 -2.23 12.86 -11.26
C GLY B 183 -2.44 12.09 -12.55
N GLY B 184 -1.95 12.66 -13.64
CA GLY B 184 -2.04 12.05 -14.95
C GLY B 184 -1.03 10.94 -15.10
N ARG B 185 -0.78 10.56 -16.34
CA ARG B 185 0.11 9.45 -16.64
C ARG B 185 1.39 9.94 -17.31
N LEU B 186 2.50 9.34 -16.93
CA LEU B 186 3.76 9.55 -17.61
C LEU B 186 4.07 8.45 -18.62
N ALA B 187 3.71 7.20 -18.30
CA ALA B 187 4.08 6.07 -19.17
C ALA B 187 3.14 4.92 -18.88
N CYS B 188 3.05 3.99 -19.82
N CYS B 188 3.02 4.02 -19.85
CA CYS B 188 2.23 2.82 -19.54
CA CYS B 188 2.11 2.87 -19.79
C CYS B 188 2.66 1.67 -20.44
C CYS B 188 2.81 1.64 -20.34
N GLY B 189 2.24 0.48 -20.04
CA GLY B 189 2.62 -0.75 -20.69
C GLY B 189 1.60 -1.83 -20.40
N ILE B 190 1.27 -2.65 -21.40
CA ILE B 190 0.34 -3.75 -21.23
C ILE B 190 1.07 -4.92 -20.60
N ILE B 191 0.49 -5.50 -19.56
CA ILE B 191 1.05 -6.71 -18.97
C ILE B 191 0.66 -7.89 -19.83
N SER B 192 1.66 -8.61 -20.36
CA SER B 192 1.42 -9.68 -21.32
C SER B 192 2.33 -10.86 -21.04
N TYR B 193 2.09 -11.97 -21.75
CA TYR B 193 2.84 -13.22 -21.54
C TYR B 193 4.24 -13.08 -22.13
N VAL B 194 5.22 -13.68 -21.46
CA VAL B 194 6.59 -13.62 -21.97
C VAL B 194 6.67 -14.36 -23.30
N VAL C 30 -20.59 -26.98 -12.88
CA VAL C 30 -19.73 -26.01 -12.23
C VAL C 30 -19.50 -26.39 -10.77
N ASN C 31 -18.23 -26.51 -10.40
CA ASN C 31 -17.80 -26.93 -9.07
C ASN C 31 -18.08 -25.81 -8.06
N TYR C 32 -19.14 -25.96 -7.26
CA TYR C 32 -19.53 -24.91 -6.33
C TYR C 32 -18.46 -24.61 -5.27
N LEU C 33 -17.49 -25.50 -5.05
CA LEU C 33 -16.39 -25.22 -4.14
C LEU C 33 -15.60 -23.98 -4.55
N PHE C 34 -15.76 -23.53 -5.80
CA PHE C 34 -14.98 -22.41 -6.31
C PHE C 34 -15.80 -21.13 -6.48
N ARG C 35 -17.04 -21.08 -6.01
CA ARG C 35 -17.90 -19.93 -6.30
C ARG C 35 -18.35 -19.25 -5.01
N GLY C 36 -18.98 -18.07 -5.20
CA GLY C 36 -19.64 -17.31 -4.14
C GLY C 36 -18.68 -16.98 -3.04
N PRO C 37 -19.16 -16.29 -2.02
CA PRO C 37 -18.37 -16.16 -0.78
C PRO C 37 -18.25 -17.49 -0.05
N VAL C 38 -17.10 -17.71 0.57
CA VAL C 38 -16.90 -18.87 1.43
C VAL C 38 -16.67 -18.38 2.85
N THR C 39 -17.31 -19.04 3.81
CA THR C 39 -17.04 -18.80 5.22
C THR C 39 -16.53 -20.10 5.84
N ALA C 40 -15.45 -20.01 6.60
CA ALA C 40 -14.91 -21.15 7.30
C ALA C 40 -14.80 -20.77 8.76
N VAL C 41 -14.76 -21.77 9.65
CA VAL C 41 -14.60 -21.53 11.07
C VAL C 41 -13.60 -22.52 11.65
N ALA C 42 -13.07 -22.18 12.81
CA ALA C 42 -12.28 -23.09 13.63
C ALA C 42 -12.76 -22.96 15.06
N ALA C 43 -13.19 -24.07 15.65
CA ALA C 43 -13.48 -24.11 17.08
C ALA C 43 -12.18 -24.43 17.83
N ILE C 44 -11.74 -23.49 18.65
CA ILE C 44 -10.45 -23.58 19.35
C ILE C 44 -10.69 -24.13 20.75
N ALA C 45 -9.97 -25.17 21.12
CA ALA C 45 -10.08 -25.73 22.47
C ALA C 45 -8.71 -26.25 22.91
N GLY C 46 -8.43 -26.08 24.20
CA GLY C 46 -7.30 -26.73 24.84
C GLY C 46 -7.71 -28.03 25.50
N GLU C 47 -6.73 -28.73 26.05
CA GLU C 47 -7.00 -30.00 26.71
C GLU C 47 -6.23 -30.05 28.02
N GLY C 48 -6.73 -30.87 28.94
CA GLY C 48 -5.98 -31.14 30.16
C GLY C 48 -5.78 -29.88 30.98
N GLU C 49 -4.51 -29.60 31.31
CA GLU C 49 -4.15 -28.39 32.03
C GLU C 49 -4.69 -27.12 31.38
N HIS C 50 -5.00 -27.17 30.07
CA HIS C 50 -5.37 -26.00 29.29
C HIS C 50 -6.79 -26.14 28.75
N ALA C 51 -7.61 -26.97 29.38
CA ALA C 51 -9.00 -27.13 28.99
C ALA C 51 -9.79 -25.83 29.13
N GLY C 52 -9.31 -24.88 29.93
CA GLY C 52 -9.96 -23.60 30.00
C GLY C 52 -9.74 -22.67 28.82
N ILE C 53 -8.92 -23.05 27.85
CA ILE C 53 -8.66 -22.21 26.69
C ILE C 53 -9.70 -22.55 25.63
N LYS C 54 -10.60 -21.61 25.36
CA LYS C 54 -11.69 -21.84 24.41
C LYS C 54 -11.87 -20.59 23.57
N GLY C 55 -12.29 -20.79 22.33
CA GLY C 55 -12.50 -19.67 21.43
C GLY C 55 -12.93 -20.17 20.06
N SER C 56 -13.00 -19.22 19.14
CA SER C 56 -13.29 -19.59 17.76
C SER C 56 -12.85 -18.48 16.83
N LEU C 57 -12.57 -18.86 15.59
CA LEU C 57 -12.19 -17.92 14.53
C LEU C 57 -13.16 -18.13 13.39
N THR C 58 -13.50 -17.04 12.71
CA THR C 58 -14.25 -17.09 11.48
C THR C 58 -13.36 -16.58 10.36
N PHE C 59 -13.38 -17.27 9.22
CA PHE C 59 -12.62 -16.87 8.03
C PHE C 59 -13.61 -16.53 6.93
N LEU C 60 -13.42 -15.38 6.31
CA LEU C 60 -14.31 -14.92 5.24
C LEU C 60 -13.48 -14.58 4.01
N GLN C 61 -13.80 -15.22 2.89
CA GLN C 61 -13.17 -14.93 1.60
C GLN C 61 -14.29 -14.78 0.58
N LYS C 62 -14.58 -13.55 0.18
CA LYS C 62 -15.74 -13.30 -0.69
C LYS C 62 -15.54 -13.88 -2.08
N SER C 63 -14.30 -13.95 -2.54
CA SER C 63 -14.04 -14.39 -3.90
C SER C 63 -12.72 -15.14 -3.96
N LEU C 64 -12.68 -16.11 -4.87
CA LEU C 64 -11.44 -16.78 -5.21
C LEU C 64 -10.36 -15.74 -5.43
N ASP C 65 -9.20 -15.93 -4.79
CA ASP C 65 -8.09 -15.01 -4.82
C ASP C 65 -8.36 -13.63 -4.20
N GLY C 66 -9.53 -13.40 -3.63
CA GLY C 66 -9.73 -12.21 -2.81
C GLY C 66 -9.01 -12.33 -1.46
N ARG C 67 -9.07 -11.26 -0.68
CA ARG C 67 -8.47 -11.31 0.65
C ARG C 67 -9.34 -12.17 1.55
N THR C 68 -8.74 -12.69 2.62
CA THR C 68 -9.47 -13.44 3.64
C THR C 68 -9.51 -12.61 4.92
N VAL C 69 -10.71 -12.42 5.45
CA VAL C 69 -10.90 -11.64 6.68
C VAL C 69 -11.07 -12.63 7.82
N ILE C 70 -10.33 -12.41 8.91
CA ILE C 70 -10.31 -13.34 10.04
C ILE C 70 -10.66 -12.59 11.32
N ASN C 71 -11.73 -13.02 11.99
CA ASN C 71 -12.20 -12.42 13.24
C ASN C 71 -12.46 -13.55 14.24
N GLY C 72 -12.26 -13.22 15.51
CA GLY C 72 -12.66 -14.14 16.56
C GLY C 72 -12.14 -13.65 17.89
N THR C 73 -12.44 -14.45 18.92
CA THR C 73 -11.92 -14.23 20.27
C THR C 73 -11.58 -15.56 20.92
N ILE C 74 -10.56 -15.54 21.75
CA ILE C 74 -10.17 -16.68 22.57
C ILE C 74 -10.11 -16.21 24.02
N SER C 75 -10.60 -17.03 24.94
CA SER C 75 -10.46 -16.73 26.36
C SER C 75 -9.69 -17.84 27.05
N GLY C 76 -9.07 -17.47 28.17
CA GLY C 76 -8.42 -18.43 29.04
C GLY C 76 -6.96 -18.61 28.77
N LEU C 77 -6.35 -17.70 28.03
CA LEU C 77 -5.00 -17.73 27.52
C LEU C 77 -4.05 -17.04 28.48
N PRO C 78 -2.82 -17.55 28.63
CA PRO C 78 -1.81 -16.80 29.39
C PRO C 78 -1.53 -15.49 28.68
N GLU C 79 -1.31 -14.44 29.47
CA GLU C 79 -1.02 -13.13 28.92
C GLU C 79 0.23 -13.19 28.05
N GLY C 80 0.23 -12.38 26.98
CA GLY C 80 1.36 -12.25 26.09
C GLY C 80 1.01 -12.66 24.67
N LYS C 81 2.04 -12.71 23.83
CA LYS C 81 1.90 -13.07 22.43
C LYS C 81 1.97 -14.58 22.24
N HIS C 82 1.23 -15.06 21.23
CA HIS C 82 1.15 -16.49 20.93
C HIS C 82 1.13 -16.71 19.43
N GLY C 83 2.01 -17.58 18.95
CA GLY C 83 2.04 -17.89 17.53
C GLY C 83 0.71 -18.46 17.06
N LEU C 84 0.31 -18.07 15.86
CA LEU C 84 -0.96 -18.49 15.27
C LEU C 84 -0.62 -19.06 13.91
N HIS C 85 -0.69 -20.39 13.78
CA HIS C 85 -0.16 -21.05 12.61
C HIS C 85 -1.14 -22.10 12.11
N ILE C 86 -1.21 -22.26 10.80
CA ILE C 86 -1.97 -23.36 10.21
C ILE C 86 -0.99 -24.48 9.92
N HIS C 87 -1.28 -25.66 10.46
CA HIS C 87 -0.39 -26.79 10.37
C HIS C 87 -0.68 -27.59 9.10
N ASP C 88 0.30 -28.37 8.66
CA ASP C 88 0.10 -29.22 7.49
C ASP C 88 -0.87 -30.37 7.75
N SER C 89 -1.10 -30.74 9.00
CA SER C 89 -1.96 -31.86 9.33
C SER C 89 -3.31 -31.31 9.77
N GLY C 90 -4.39 -32.01 9.40
CA GLY C 90 -5.69 -31.75 9.98
C GLY C 90 -6.12 -32.74 11.05
N ASP C 91 -5.22 -33.62 11.49
CA ASP C 91 -5.57 -34.83 12.23
C ASP C 91 -5.70 -34.52 13.73
N MET C 92 -6.92 -34.57 14.26
CA MET C 92 -7.17 -34.37 15.68
C MET C 92 -7.51 -35.65 16.43
N THR C 93 -7.23 -36.83 15.86
CA THR C 93 -7.63 -38.04 16.55
C THR C 93 -6.89 -38.23 17.88
N LYS C 94 -5.75 -37.58 18.06
CA LYS C 94 -5.08 -37.53 19.35
C LYS C 94 -5.17 -36.14 19.99
N GLY C 95 -6.29 -35.43 19.78
CA GLY C 95 -6.37 -34.10 20.35
C GLY C 95 -5.28 -33.18 19.82
N CYS C 96 -4.95 -32.17 20.62
CA CYS C 96 -4.01 -31.16 20.13
C CYS C 96 -2.57 -31.64 20.09
N TYR C 97 -2.27 -32.88 20.48
CA TYR C 97 -0.95 -33.46 20.23
C TYR C 97 -0.87 -33.93 18.78
N ILE C 98 0.04 -33.34 18.02
CA ILE C 98 0.16 -33.61 16.60
C ILE C 98 1.30 -34.61 16.42
N THR C 99 0.95 -35.83 16.00
CA THR C 99 1.95 -36.88 15.85
C THR C 99 2.96 -36.53 14.75
N THR C 100 2.51 -35.91 13.65
CA THR C 100 3.36 -35.73 12.49
C THR C 100 4.45 -34.67 12.72
N ALA C 101 5.63 -34.95 12.15
CA ALA C 101 6.74 -34.00 12.11
C ALA C 101 6.67 -33.06 10.90
N LYS C 102 5.49 -32.91 10.27
CA LYS C 102 5.40 -32.20 9.00
C LYS C 102 5.51 -30.68 9.12
N GLY C 103 5.13 -30.10 10.26
CA GLY C 103 5.23 -28.65 10.41
C GLY C 103 4.15 -27.83 9.72
N HIS C 104 4.45 -26.56 9.51
CA HIS C 104 3.47 -25.59 9.05
C HIS C 104 3.06 -25.83 7.60
N LEU C 105 1.82 -25.46 7.28
CA LEU C 105 1.32 -25.60 5.92
C LEU C 105 2.21 -24.79 4.98
N ASN C 106 2.90 -25.48 4.05
CA ASN C 106 3.98 -24.88 3.27
C ASN C 106 4.00 -25.45 1.85
N PRO C 107 2.90 -25.30 1.09
CA PRO C 107 2.91 -25.88 -0.26
C PRO C 107 3.86 -25.18 -1.22
N PHE C 108 4.23 -23.93 -0.98
CA PHE C 108 5.16 -23.23 -1.85
C PHE C 108 6.62 -23.37 -1.42
N ASN C 109 6.87 -24.12 -0.35
CA ASN C 109 8.23 -24.53 0.03
C ASN C 109 9.13 -23.34 0.30
N LEU C 110 8.67 -22.47 1.18
CA LEU C 110 9.42 -21.29 1.58
C LEU C 110 9.74 -21.43 3.05
N SER C 111 10.49 -20.47 3.58
CA SER C 111 10.86 -20.56 4.98
C SER C 111 9.85 -19.82 5.84
N HIS C 112 9.93 -20.04 7.14
CA HIS C 112 9.01 -19.41 8.07
C HIS C 112 9.24 -17.89 8.10
N GLY C 113 8.15 -17.13 8.17
CA GLY C 113 8.30 -15.69 8.22
C GLY C 113 7.07 -15.06 8.84
N ALA C 114 7.06 -13.73 8.84
CA ALA C 114 5.89 -12.96 9.27
C ALA C 114 4.82 -12.97 8.18
N PRO C 115 3.56 -12.73 8.54
CA PRO C 115 2.50 -12.75 7.51
C PRO C 115 2.73 -11.74 6.39
N SER C 116 3.37 -10.61 6.69
CA SER C 116 3.72 -9.63 5.67
C SER C 116 5.04 -9.92 4.97
N ASP C 117 5.79 -10.93 5.39
CA ASP C 117 7.03 -11.25 4.70
C ASP C 117 6.75 -11.98 3.39
N SER C 118 7.57 -11.68 2.38
CA SER C 118 7.48 -12.43 1.13
C SER C 118 7.87 -13.89 1.32
N ALA C 119 8.91 -14.13 2.11
CA ALA C 119 9.30 -15.49 2.51
C ALA C 119 8.45 -15.90 3.71
N ARG C 120 7.39 -16.66 3.46
CA ARG C 120 6.58 -17.16 4.55
C ARG C 120 5.92 -18.46 4.09
N HIS C 121 5.46 -19.22 5.08
CA HIS C 121 4.58 -20.36 4.86
C HIS C 121 3.16 -19.87 4.67
N VAL C 122 2.36 -20.64 3.91
CA VAL C 122 0.93 -20.30 3.84
C VAL C 122 0.32 -20.24 5.24
N GLY C 123 0.72 -21.14 6.13
CA GLY C 123 0.17 -21.17 7.48
C GLY C 123 0.71 -20.15 8.48
N ASP C 124 1.54 -19.20 8.08
CA ASP C 124 2.17 -18.26 9.00
C ASP C 124 1.25 -17.06 9.20
N LEU C 125 0.43 -17.08 10.25
CA LEU C 125 -0.46 -15.97 10.56
C LEU C 125 0.05 -15.11 11.72
N GLY C 126 1.32 -15.22 12.08
CA GLY C 126 1.91 -14.30 13.03
C GLY C 126 1.50 -14.56 14.47
N ASN C 127 1.26 -13.49 15.21
CA ASN C 127 0.98 -13.55 16.64
C ASN C 127 -0.40 -12.96 16.93
N ILE C 128 -1.11 -13.59 17.86
CA ILE C 128 -2.25 -12.99 18.54
C ILE C 128 -1.78 -12.57 19.93
N TYR C 129 -2.53 -11.68 20.57
CA TYR C 129 -2.14 -11.18 21.88
C TYR C 129 -3.25 -11.46 22.88
N ALA C 130 -2.89 -12.03 24.02
CA ALA C 130 -3.82 -12.22 25.12
C ALA C 130 -3.47 -11.26 26.26
N ASP C 131 -4.48 -10.57 26.78
CA ASP C 131 -4.32 -9.57 27.82
C ASP C 131 -4.31 -10.23 29.19
N ASP C 132 -4.14 -9.43 30.25
CA ASP C 132 -3.98 -10.01 31.58
C ASP C 132 -5.25 -10.71 32.06
N THR C 133 -6.39 -10.44 31.47
CA THR C 133 -7.58 -11.19 31.82
C THR C 133 -7.73 -12.48 31.03
N GLY C 134 -6.78 -12.77 30.13
CA GLY C 134 -6.81 -13.98 29.34
C GLY C 134 -7.58 -13.91 28.05
N ILE C 135 -7.94 -12.70 27.61
CA ILE C 135 -8.78 -12.51 26.42
C ILE C 135 -7.88 -12.15 25.25
N SER C 136 -8.09 -12.80 24.12
CA SER C 136 -7.48 -12.40 22.86
C SER C 136 -8.57 -12.06 21.84
N VAL C 137 -8.47 -10.86 21.27
CA VAL C 137 -9.29 -10.41 20.17
C VAL C 137 -8.49 -10.60 18.90
N ILE C 138 -9.04 -11.38 17.97
CA ILE C 138 -8.33 -11.72 16.74
C ILE C 138 -8.99 -10.94 15.61
N ASN C 139 -8.17 -10.20 14.87
CA ASN C 139 -8.68 -9.34 13.80
C ASN C 139 -7.54 -9.15 12.80
N LEU C 140 -7.56 -9.93 11.72
CA LEU C 140 -6.53 -9.86 10.70
C LEU C 140 -7.14 -9.99 9.33
N THR C 141 -6.32 -9.61 8.34
CA THR C 141 -6.60 -9.83 6.94
C THR C 141 -5.39 -10.56 6.38
N ASP C 142 -5.62 -11.61 5.61
CA ASP C 142 -4.51 -12.32 4.97
C ASP C 142 -4.79 -12.40 3.47
N THR C 143 -3.72 -12.32 2.66
CA THR C 143 -3.88 -12.48 1.22
C THR C 143 -3.16 -13.71 0.70
N VAL C 144 -2.65 -14.58 1.56
CA VAL C 144 -1.98 -15.77 1.12
C VAL C 144 -2.87 -17.01 1.23
N ILE C 145 -3.53 -17.20 2.37
CA ILE C 145 -4.35 -18.41 2.54
C ILE C 145 -5.55 -18.38 1.59
N SER C 146 -6.12 -19.56 1.35
CA SER C 146 -7.30 -19.64 0.50
C SER C 146 -8.37 -20.52 1.15
N LEU C 147 -9.62 -20.11 1.01
CA LEU C 147 -10.74 -20.95 1.41
C LEU C 147 -11.34 -21.70 0.22
N PHE C 148 -10.72 -21.61 -0.95
CA PHE C 148 -11.02 -22.30 -2.19
C PHE C 148 -9.91 -23.30 -2.49
N PRO C 149 -10.19 -24.39 -3.19
CA PRO C 149 -9.20 -25.48 -3.31
C PRO C 149 -8.04 -25.23 -4.28
N THR C 150 -7.43 -24.07 -4.17
CA THR C 150 -6.16 -23.78 -4.82
C THR C 150 -5.05 -24.41 -3.99
N PRO C 151 -3.80 -24.31 -4.44
N PRO C 151 -3.79 -24.30 -4.44
CA PRO C 151 -2.69 -24.82 -3.61
CA PRO C 151 -2.68 -24.81 -3.62
C PRO C 151 -2.58 -24.16 -2.25
C PRO C 151 -2.57 -24.15 -2.25
N ALA C 152 -3.19 -22.98 -2.05
CA ALA C 152 -3.11 -22.30 -0.77
C ALA C 152 -4.27 -22.67 0.18
N PHE C 153 -5.08 -23.66 -0.19
CA PHE C 153 -6.25 -24.10 0.57
C PHE C 153 -5.92 -24.43 2.03
N VAL C 154 -6.67 -23.88 2.98
CA VAL C 154 -6.45 -24.14 4.41
C VAL C 154 -7.55 -24.95 5.07
N ILE C 155 -8.64 -25.27 4.38
CA ILE C 155 -9.69 -26.03 5.05
C ILE C 155 -9.20 -27.46 5.26
N GLY C 156 -9.62 -28.06 6.37
CA GLY C 156 -9.18 -29.39 6.71
C GLY C 156 -7.83 -29.48 7.36
N ARG C 157 -7.26 -28.36 7.78
CA ARG C 157 -6.00 -28.30 8.50
C ARG C 157 -6.22 -27.72 9.88
N ILE C 158 -5.31 -28.02 10.79
CA ILE C 158 -5.42 -27.57 12.18
C ILE C 158 -4.84 -26.17 12.32
N LEU C 159 -5.61 -25.27 12.90
CA LEU C 159 -5.10 -23.97 13.36
C LEU C 159 -4.55 -24.12 14.77
N VAL C 160 -3.33 -23.64 15.00
CA VAL C 160 -2.60 -23.87 16.24
C VAL C 160 -2.39 -22.54 16.98
N ILE C 161 -2.60 -22.56 18.30
CA ILE C 161 -2.22 -21.46 19.18
C ILE C 161 -1.03 -21.94 19.99
N HIS C 162 0.11 -21.27 19.86
CA HIS C 162 1.34 -21.73 20.45
C HIS C 162 1.55 -21.20 21.88
N THR C 163 2.41 -21.90 22.62
CA THR C 163 2.71 -21.55 24.01
C THR C 163 3.31 -20.15 24.11
N THR C 164 4.24 -19.80 23.23
CA THR C 164 4.76 -18.44 23.28
C THR C 164 4.80 -17.80 21.89
N TYR C 165 5.49 -16.68 21.77
CA TYR C 165 5.38 -15.88 20.57
C TYR C 165 6.17 -16.45 19.41
N ASP C 166 5.64 -16.22 18.23
CA ASP C 166 6.35 -16.47 16.99
C ASP C 166 7.43 -15.41 16.82
N ASP C 167 8.71 -15.82 16.71
CA ASP C 167 9.72 -14.79 16.48
C ASP C 167 9.80 -14.34 15.03
N LEU C 168 8.89 -14.81 14.16
CA LEU C 168 8.75 -14.31 12.81
C LEU C 168 9.97 -14.60 11.95
N GLY C 169 10.71 -15.66 12.27
CA GLY C 169 11.91 -16.00 11.54
C GLY C 169 13.11 -15.12 11.83
N ARG C 170 13.06 -14.29 12.87
CA ARG C 170 14.13 -13.36 13.13
C ARG C 170 14.83 -13.63 14.46
N GLY C 171 14.52 -14.76 15.11
CA GLY C 171 14.99 -14.95 16.48
C GLY C 171 16.40 -15.46 16.65
N GLY C 172 17.11 -15.79 15.57
CA GLY C 172 18.44 -16.35 15.69
C GLY C 172 18.49 -17.78 16.18
N SER C 173 17.36 -18.37 16.59
CA SER C 173 17.32 -19.76 16.99
C SER C 173 17.45 -20.67 15.77
N PRO C 174 17.84 -21.92 15.96
CA PRO C 174 17.89 -22.87 14.83
C PRO C 174 16.54 -23.21 14.23
N VAL C 175 15.44 -23.03 14.96
CA VAL C 175 14.12 -23.31 14.40
C VAL C 175 13.34 -22.03 14.14
N SER C 176 13.98 -20.86 14.28
N SER C 176 14.00 -20.87 14.24
CA SER C 176 13.31 -19.61 13.93
CA SER C 176 13.34 -19.61 13.94
C SER C 176 12.79 -19.66 12.49
C SER C 176 12.84 -19.58 12.50
N LYS C 177 13.46 -20.11 11.56
CA LYS C 177 13.21 -20.16 10.10
C LYS C 177 12.39 -21.41 9.75
N VAL C 178 12.11 -22.25 10.74
CA VAL C 178 11.26 -23.45 10.52
C VAL C 178 9.85 -23.20 11.06
N ASN C 179 9.73 -22.59 12.24
CA ASN C 179 8.40 -22.44 12.88
C ASN C 179 8.33 -21.22 13.83
N GLY C 180 9.36 -20.40 13.85
CA GLY C 180 9.37 -19.19 14.70
C GLY C 180 9.68 -19.46 16.16
N ASN C 181 9.94 -20.71 16.53
CA ASN C 181 10.35 -21.02 17.89
C ASN C 181 9.28 -20.64 18.91
N ALA C 182 8.01 -20.84 18.55
CA ALA C 182 6.90 -20.51 19.42
C ALA C 182 6.57 -21.62 20.43
N GLY C 183 7.34 -22.69 20.51
CA GLY C 183 7.13 -23.65 21.58
C GLY C 183 6.03 -24.64 21.27
N GLY C 184 5.42 -25.14 22.34
CA GLY C 184 4.41 -26.17 22.23
C GLY C 184 3.07 -25.60 21.80
N ARG C 185 2.05 -26.40 22.02
CA ARG C 185 0.71 -26.05 21.59
C ARG C 185 -0.14 -25.83 22.84
N LEU C 186 -0.93 -24.75 22.83
CA LEU C 186 -1.89 -24.48 23.89
C LEU C 186 -3.29 -24.94 23.53
N ALA C 187 -3.72 -24.66 22.31
CA ALA C 187 -5.07 -25.02 21.87
C ALA C 187 -5.06 -25.13 20.36
N CYS C 188 -6.07 -25.82 19.81
CA CYS C 188 -6.15 -25.86 18.36
C CYS C 188 -7.57 -26.21 17.92
N GLY C 189 -7.77 -26.21 16.61
CA GLY C 189 -9.02 -26.62 16.01
C GLY C 189 -8.93 -26.71 14.49
N ILE C 190 -9.79 -27.54 13.91
CA ILE C 190 -9.79 -27.74 12.47
C ILE C 190 -10.53 -26.61 11.79
N ILE C 191 -9.92 -26.04 10.75
CA ILE C 191 -10.60 -25.09 9.88
C ILE C 191 -11.55 -25.85 8.98
N SER C 192 -12.83 -25.53 9.07
CA SER C 192 -13.84 -26.30 8.38
C SER C 192 -14.89 -25.34 7.84
N TYR C 193 -15.73 -25.86 6.95
CA TYR C 193 -16.74 -25.05 6.30
C TYR C 193 -17.85 -24.70 7.28
N VAL C 194 -18.39 -23.50 7.14
CA VAL C 194 -19.54 -23.13 7.95
C VAL C 194 -20.79 -23.87 7.46
N ASN D 31 -11.75 -1.11 41.19
CA ASN D 31 -12.92 -1.57 40.46
C ASN D 31 -12.50 -2.13 39.10
N TYR D 32 -12.63 -3.44 38.91
CA TYR D 32 -12.10 -4.07 37.72
C TYR D 32 -12.77 -3.60 36.44
N LEU D 33 -13.98 -3.03 36.51
CA LEU D 33 -14.65 -2.51 35.32
C LEU D 33 -13.89 -1.33 34.72
N PHE D 34 -13.00 -0.69 35.49
CA PHE D 34 -12.20 0.43 35.01
C PHE D 34 -10.75 0.05 34.70
N ARG D 35 -10.43 -1.24 34.65
CA ARG D 35 -9.05 -1.71 34.59
C ARG D 35 -8.72 -2.30 33.23
N GLY D 36 -7.41 -2.32 32.92
CA GLY D 36 -6.84 -3.10 31.83
C GLY D 36 -7.49 -2.75 30.53
N PRO D 37 -7.31 -3.60 29.51
CA PRO D 37 -8.12 -3.48 28.29
C PRO D 37 -9.50 -4.06 28.51
N VAL D 38 -10.49 -3.42 27.89
CA VAL D 38 -11.87 -3.90 27.92
C VAL D 38 -12.25 -4.40 26.53
N THR D 39 -12.92 -5.54 26.49
CA THR D 39 -13.37 -6.13 25.24
C THR D 39 -14.87 -6.36 25.32
N ALA D 40 -15.58 -5.91 24.30
CA ALA D 40 -17.02 -6.10 24.23
C ALA D 40 -17.37 -6.70 22.87
N VAL D 41 -18.61 -7.18 22.74
CA VAL D 41 -19.11 -7.75 21.50
C VAL D 41 -20.58 -7.37 21.30
N ALA D 42 -21.01 -7.45 20.04
CA ALA D 42 -22.41 -7.34 19.69
C ALA D 42 -22.74 -8.44 18.70
N ALA D 43 -23.80 -9.17 18.99
CA ALA D 43 -24.39 -10.17 18.09
C ALA D 43 -25.49 -9.47 17.30
N ILE D 44 -25.29 -9.32 16.00
CA ILE D 44 -26.16 -8.51 15.17
C ILE D 44 -27.17 -9.41 14.48
N ALA D 45 -28.45 -9.06 14.55
CA ALA D 45 -29.44 -9.89 13.89
C ALA D 45 -30.63 -9.04 13.45
N GLY D 46 -31.14 -9.36 12.26
CA GLY D 46 -32.46 -8.91 11.87
C GLY D 46 -33.51 -9.95 12.24
N GLU D 47 -34.77 -9.55 12.10
CA GLU D 47 -35.90 -10.46 12.34
C GLU D 47 -36.89 -10.33 11.19
N GLY D 48 -37.81 -11.28 11.11
CA GLY D 48 -38.88 -11.23 10.11
C GLY D 48 -38.36 -11.25 8.68
N GLU D 49 -38.73 -10.23 7.91
CA GLU D 49 -38.31 -10.15 6.52
C GLU D 49 -36.78 -10.01 6.40
N HIS D 50 -36.13 -9.45 7.42
CA HIS D 50 -34.69 -9.27 7.46
C HIS D 50 -34.00 -10.32 8.34
N ALA D 51 -34.65 -11.46 8.57
CA ALA D 51 -34.06 -12.50 9.41
C ALA D 51 -32.71 -12.99 8.89
N GLY D 52 -32.43 -12.79 7.60
CA GLY D 52 -31.16 -13.21 7.04
C GLY D 52 -29.97 -12.34 7.38
N ILE D 53 -30.20 -11.20 8.03
CA ILE D 53 -29.10 -10.33 8.45
C ILE D 53 -28.53 -10.87 9.75
N LYS D 54 -27.31 -11.39 9.69
CA LYS D 54 -26.57 -11.84 10.87
C LYS D 54 -25.14 -11.32 10.81
N GLY D 55 -24.59 -11.04 11.97
CA GLY D 55 -23.21 -10.60 12.04
C GLY D 55 -22.74 -10.50 13.47
N SER D 56 -21.50 -10.09 13.61
CA SER D 56 -20.78 -10.08 14.88
C SER D 56 -19.82 -8.91 14.81
N LEU D 57 -19.76 -8.15 15.89
CA LEU D 57 -18.77 -7.10 16.04
C LEU D 57 -18.04 -7.30 17.36
N THR D 58 -16.73 -7.05 17.38
N THR D 58 -16.74 -7.00 17.36
CA THR D 58 -15.96 -6.99 18.61
CA THR D 58 -15.92 -6.99 18.56
C THR D 58 -15.45 -5.57 18.80
C THR D 58 -15.42 -5.57 18.79
N PHE D 59 -15.40 -5.14 20.05
CA PHE D 59 -14.95 -3.82 20.45
C PHE D 59 -13.77 -4.00 21.40
N LEU D 60 -12.70 -3.25 21.20
CA LEU D 60 -11.53 -3.36 22.06
C LEU D 60 -11.00 -1.96 22.35
N GLN D 61 -10.89 -1.64 23.64
CA GLN D 61 -10.39 -0.35 24.10
C GLN D 61 -9.36 -0.65 25.18
N LYS D 62 -8.11 -0.36 24.88
CA LYS D 62 -7.00 -0.81 25.72
C LYS D 62 -6.94 -0.03 27.03
N SER D 63 -7.29 1.25 26.99
CA SER D 63 -7.15 2.08 28.17
C SER D 63 -8.24 3.15 28.18
N LEU D 64 -8.44 3.70 29.37
CA LEU D 64 -9.43 4.74 29.61
C LEU D 64 -9.25 5.91 28.65
N ASP D 65 -10.34 6.29 27.98
CA ASP D 65 -10.35 7.38 27.01
C ASP D 65 -9.44 7.13 25.81
N GLY D 66 -8.77 5.98 25.74
CA GLY D 66 -8.04 5.60 24.54
C GLY D 66 -9.01 5.35 23.39
N ARG D 67 -8.45 4.91 22.26
CA ARG D 67 -9.31 4.62 21.12
C ARG D 67 -9.91 3.21 21.24
N THR D 68 -11.10 3.06 20.68
CA THR D 68 -11.82 1.79 20.61
C THR D 68 -11.78 1.30 19.17
N VAL D 69 -11.38 0.04 18.97
CA VAL D 69 -11.28 -0.55 17.65
C VAL D 69 -12.42 -1.53 17.48
N ILE D 70 -13.17 -1.38 16.39
CA ILE D 70 -14.36 -2.18 16.10
C ILE D 70 -14.12 -2.98 14.83
N ASN D 71 -14.26 -4.31 14.92
N ASN D 71 -14.32 -4.29 14.90
CA ASN D 71 -14.07 -5.20 13.79
CA ASN D 71 -14.11 -5.13 13.74
C ASN D 71 -15.20 -6.21 13.72
C ASN D 71 -15.14 -6.25 13.70
N GLY D 72 -15.59 -6.56 12.49
CA GLY D 72 -16.51 -7.67 12.31
C GLY D 72 -17.02 -7.70 10.88
N THR D 73 -18.02 -8.53 10.67
CA THR D 73 -18.71 -8.62 9.40
C THR D 73 -20.21 -8.76 9.66
N ILE D 74 -21.02 -8.34 8.70
CA ILE D 74 -22.47 -8.49 8.75
C ILE D 74 -22.93 -8.93 7.36
N SER D 75 -23.72 -9.99 7.30
CA SER D 75 -24.17 -10.57 6.03
C SER D 75 -25.63 -10.21 5.77
N GLY D 76 -26.06 -10.38 4.53
CA GLY D 76 -27.47 -10.24 4.23
C GLY D 76 -27.96 -8.82 4.07
N LEU D 77 -27.09 -7.89 3.86
CA LEU D 77 -27.55 -6.51 3.79
C LEU D 77 -27.82 -6.10 2.35
N PRO D 78 -28.76 -5.16 2.16
CA PRO D 78 -28.93 -4.58 0.83
C PRO D 78 -27.72 -3.73 0.48
N GLU D 79 -27.37 -3.75 -0.82
CA GLU D 79 -26.25 -2.96 -1.29
C GLU D 79 -26.42 -1.49 -0.97
N GLY D 80 -25.31 -0.85 -0.59
CA GLY D 80 -25.30 0.57 -0.31
C GLY D 80 -24.90 0.85 1.13
N LYS D 81 -24.94 2.13 1.46
CA LYS D 81 -24.51 2.59 2.77
C LYS D 81 -25.65 2.49 3.78
N HIS D 82 -25.27 2.24 5.05
CA HIS D 82 -26.21 2.04 6.14
C HIS D 82 -25.70 2.71 7.40
N GLY D 83 -26.55 3.54 8.01
CA GLY D 83 -26.16 4.19 9.25
C GLY D 83 -25.91 3.17 10.35
N LEU D 84 -24.89 3.43 11.16
CA LEU D 84 -24.54 2.57 12.27
C LEU D 84 -24.51 3.43 13.53
N HIS D 85 -25.45 3.18 14.44
CA HIS D 85 -25.66 4.06 15.59
C HIS D 85 -25.86 3.25 16.86
N ILE D 86 -25.33 3.74 17.96
CA ILE D 86 -25.64 3.18 19.27
C ILE D 86 -26.80 3.98 19.86
N HIS D 87 -27.87 3.28 20.18
CA HIS D 87 -29.08 3.97 20.67
C HIS D 87 -29.07 4.12 22.18
N ASP D 88 -29.94 4.98 22.69
CA ASP D 88 -30.00 5.27 24.12
C ASP D 88 -30.56 4.10 24.95
N SER D 89 -31.31 3.18 24.35
CA SER D 89 -31.91 2.06 25.05
C SER D 89 -31.16 0.77 24.70
N GLY D 90 -31.15 -0.18 25.63
CA GLY D 90 -30.66 -1.51 25.33
C GLY D 90 -31.74 -2.57 25.41
N ASP D 91 -32.99 -2.14 25.35
CA ASP D 91 -34.15 -3.00 25.64
C ASP D 91 -34.55 -3.77 24.39
N MET D 92 -34.29 -5.09 24.40
CA MET D 92 -34.70 -5.98 23.32
C MET D 92 -35.96 -6.79 23.63
N THR D 93 -36.70 -6.45 24.67
CA THR D 93 -37.85 -7.29 25.02
C THR D 93 -39.04 -7.13 24.07
N LYS D 94 -38.99 -6.19 23.11
CA LYS D 94 -40.00 -6.10 22.06
C LYS D 94 -39.37 -6.20 20.67
N GLY D 95 -38.25 -6.90 20.55
CA GLY D 95 -37.60 -7.08 19.26
C GLY D 95 -36.85 -5.85 18.78
N CYS D 96 -36.20 -6.03 17.62
CA CYS D 96 -35.39 -4.97 17.03
C CYS D 96 -36.24 -3.83 16.50
N TYR D 97 -37.38 -4.13 15.88
CA TYR D 97 -38.11 -3.15 15.06
C TYR D 97 -39.19 -2.49 15.89
N ILE D 98 -38.84 -1.36 16.51
CA ILE D 98 -39.80 -0.58 17.28
C ILE D 98 -39.56 0.91 17.02
N THR D 99 -40.61 1.70 17.17
N THR D 99 -40.58 1.71 17.31
CA THR D 99 -40.54 3.14 16.96
CA THR D 99 -40.45 3.16 17.32
C THR D 99 -40.42 3.91 18.27
C THR D 99 -40.56 3.63 18.76
N THR D 100 -40.71 3.26 19.40
N THR D 100 -39.40 3.89 19.39
CA THR D 100 -40.69 3.94 20.70
CA THR D 100 -39.33 4.35 20.77
C THR D 100 -39.33 4.58 20.96
C THR D 100 -39.03 5.84 20.90
N ALA D 101 -38.26 3.85 20.73
N ALA D 101 -38.45 6.45 19.86
CA ALA D 101 -36.90 4.33 20.99
CA ALA D 101 -38.19 7.89 19.84
C ALA D 101 -36.23 4.62 19.64
C ALA D 101 -37.35 8.35 21.03
N LYS D 102 -36.03 5.90 19.35
N LYS D 102 -36.55 7.45 21.60
CA LYS D 102 -35.31 6.33 18.16
CA LYS D 102 -35.63 7.86 22.67
C LYS D 102 -34.16 7.26 18.47
C LYS D 102 -34.36 8.47 22.08
N GLY D 103 -33.91 7.56 19.74
N GLY D 103 -33.92 7.99 20.92
CA GLY D 103 -32.89 8.51 20.12
CA GLY D 103 -32.85 8.63 20.19
C GLY D 103 -31.53 7.86 20.28
C GLY D 103 -31.52 7.92 20.37
N HIS D 104 -30.51 8.51 19.74
CA HIS D 104 -29.14 8.03 19.80
C HIS D 104 -28.56 8.29 21.20
N LEU D 105 -27.63 7.43 21.61
CA LEU D 105 -26.93 7.65 22.88
C LEU D 105 -26.25 9.03 22.88
N ASN D 106 -26.68 9.91 23.79
CA ASN D 106 -26.29 11.32 23.74
C ASN D 106 -26.16 11.92 25.13
N PRO D 107 -25.28 11.36 25.97
CA PRO D 107 -25.14 11.87 27.34
C PRO D 107 -24.59 13.28 27.42
N PHE D 108 -23.96 13.79 26.36
CA PHE D 108 -23.44 15.15 26.36
C PHE D 108 -24.36 16.14 25.68
N ASN D 109 -25.54 15.70 25.23
CA ASN D 109 -26.58 16.60 24.73
C ASN D 109 -26.10 17.47 23.56
N LEU D 110 -25.44 16.82 22.60
CA LEU D 110 -24.99 17.49 21.40
C LEU D 110 -25.88 17.09 20.22
N SER D 111 -25.57 17.64 19.06
CA SER D 111 -26.30 17.41 17.82
C SER D 111 -25.74 16.18 17.12
N HIS D 112 -26.56 15.56 16.27
CA HIS D 112 -26.07 14.44 15.46
C HIS D 112 -24.99 14.90 14.50
N GLY D 113 -23.99 14.05 14.30
CA GLY D 113 -22.93 14.36 13.36
C GLY D 113 -22.24 13.11 12.84
N ALA D 114 -21.10 13.34 12.17
CA ALA D 114 -20.24 12.28 11.72
C ALA D 114 -19.30 11.84 12.85
N PRO D 115 -18.79 10.61 12.78
CA PRO D 115 -17.82 10.17 13.80
C PRO D 115 -16.66 11.14 14.00
N SER D 116 -16.16 11.73 12.92
CA SER D 116 -15.05 12.66 12.99
C SER D 116 -15.43 14.05 13.50
N ASP D 117 -16.72 14.34 13.66
CA ASP D 117 -17.16 15.66 14.11
C ASP D 117 -17.03 15.81 15.62
N SER D 118 -16.74 17.04 16.05
CA SER D 118 -16.78 17.35 17.48
C SER D 118 -18.22 17.49 17.98
N ALA D 119 -19.13 18.01 17.16
CA ALA D 119 -20.56 18.01 17.49
C ALA D 119 -21.16 16.71 16.98
N ARG D 120 -21.24 15.71 17.86
CA ARG D 120 -21.82 14.42 17.52
C ARG D 120 -22.43 13.80 18.77
N HIS D 121 -23.28 12.81 18.55
CA HIS D 121 -23.70 11.96 19.64
C HIS D 121 -22.61 10.94 19.93
N VAL D 122 -22.52 10.51 21.19
CA VAL D 122 -21.64 9.38 21.50
C VAL D 122 -21.95 8.21 20.56
N GLY D 123 -23.22 8.00 20.27
CA GLY D 123 -23.58 6.84 19.46
C GLY D 123 -23.43 6.99 17.96
N ASP D 124 -22.85 8.08 17.45
CA ASP D 124 -22.73 8.30 15.99
C ASP D 124 -21.49 7.60 15.46
N LEU D 125 -21.68 6.42 14.84
CA LEU D 125 -20.55 5.69 14.26
C LEU D 125 -20.52 5.76 12.74
N GLY D 126 -21.39 6.55 12.12
CA GLY D 126 -21.27 6.77 10.69
C GLY D 126 -22.01 5.72 9.87
N ASN D 127 -21.43 5.36 8.72
CA ASN D 127 -22.06 4.47 7.75
C ASN D 127 -21.18 3.24 7.55
N ILE D 128 -21.80 2.10 7.35
CA ILE D 128 -21.10 0.94 6.82
C ILE D 128 -21.58 0.74 5.40
N TYR D 129 -20.78 0.01 4.61
CA TYR D 129 -21.09 -0.26 3.22
C TYR D 129 -21.21 -1.75 2.99
N ALA D 130 -22.26 -2.17 2.29
CA ALA D 130 -22.39 -3.53 1.79
C ALA D 130 -22.40 -3.50 0.27
N ASP D 131 -21.63 -4.38 -0.36
CA ASP D 131 -21.62 -4.54 -1.80
C ASP D 131 -22.70 -5.56 -2.22
N ASP D 132 -22.71 -5.89 -3.51
CA ASP D 132 -23.73 -6.77 -4.08
C ASP D 132 -23.76 -8.15 -3.44
N THR D 133 -22.69 -8.57 -2.75
CA THR D 133 -22.74 -9.82 -1.99
C THR D 133 -23.61 -9.69 -0.75
N GLY D 134 -23.93 -8.45 -0.34
CA GLY D 134 -24.64 -8.20 0.89
C GLY D 134 -23.81 -8.32 2.15
N ILE D 135 -22.50 -8.54 2.03
CA ILE D 135 -21.65 -8.75 3.17
C ILE D 135 -20.85 -7.47 3.40
N SER D 136 -20.99 -6.90 4.59
CA SER D 136 -20.21 -5.74 4.99
C SER D 136 -19.06 -6.19 5.88
N VAL D 137 -17.85 -5.77 5.53
CA VAL D 137 -16.66 -5.97 6.34
C VAL D 137 -16.39 -4.67 7.09
N ILE D 138 -16.39 -4.74 8.41
CA ILE D 138 -16.39 -3.54 9.24
C ILE D 138 -15.06 -3.44 9.97
N ASN D 139 -14.42 -2.28 9.84
N ASN D 139 -14.40 -2.30 9.81
CA ASN D 139 -13.15 -1.97 10.51
CA ASN D 139 -13.16 -2.00 10.55
C ASN D 139 -13.21 -0.49 10.87
C ASN D 139 -13.21 -0.51 10.87
N LEU D 140 -13.51 -0.19 12.12
CA LEU D 140 -13.67 1.20 12.56
C LEU D 140 -12.76 1.46 13.75
N THR D 141 -12.46 2.74 13.92
CA THR D 141 -11.74 3.24 15.07
C THR D 141 -12.54 4.43 15.56
N ASP D 142 -12.87 4.44 16.84
CA ASP D 142 -13.57 5.58 17.40
C ASP D 142 -12.82 6.08 18.63
N THR D 143 -13.00 7.36 18.93
CA THR D 143 -12.35 7.97 20.08
C THR D 143 -13.36 8.53 21.07
N VAL D 144 -14.66 8.46 20.76
CA VAL D 144 -15.67 9.03 21.64
C VAL D 144 -16.36 7.97 22.49
N ILE D 145 -16.74 6.80 21.93
CA ILE D 145 -17.42 5.78 22.75
C ILE D 145 -16.47 5.26 23.83
N SER D 146 -17.06 4.68 24.87
CA SER D 146 -16.28 4.11 25.95
C SER D 146 -16.80 2.73 26.29
N LEU D 147 -15.87 1.82 26.60
CA LEU D 147 -16.19 0.53 27.19
C LEU D 147 -15.88 0.48 28.69
N PHE D 148 -15.38 1.54 29.24
CA PHE D 148 -15.29 1.82 30.67
C PHE D 148 -16.50 2.62 31.11
N PRO D 149 -17.00 2.43 32.36
CA PRO D 149 -18.23 3.07 32.82
C PRO D 149 -18.11 4.56 33.14
N THR D 150 -17.59 5.33 32.17
CA THR D 150 -17.61 6.78 32.20
C THR D 150 -18.92 7.19 31.56
N PRO D 151 -19.25 8.49 31.44
CA PRO D 151 -20.53 8.83 30.81
C PRO D 151 -20.64 8.40 29.35
N ALA D 152 -19.54 8.08 28.68
CA ALA D 152 -19.59 7.63 27.29
C ALA D 152 -19.80 6.13 27.16
N PHE D 153 -20.12 5.44 28.25
CA PHE D 153 -20.31 3.99 28.29
C PHE D 153 -21.36 3.54 27.27
N VAL D 154 -21.01 2.56 26.44
CA VAL D 154 -21.93 2.03 25.44
C VAL D 154 -22.38 0.61 25.74
N ILE D 155 -21.82 -0.04 26.77
CA ILE D 155 -22.24 -1.41 27.07
C ILE D 155 -23.67 -1.41 27.61
N GLY D 156 -24.41 -2.46 27.25
CA GLY D 156 -25.81 -2.52 27.60
C GLY D 156 -26.73 -1.67 26.77
N ARG D 157 -26.27 -1.18 25.62
CA ARG D 157 -27.08 -0.40 24.70
C ARG D 157 -27.14 -1.13 23.37
N ILE D 158 -28.14 -0.79 22.56
CA ILE D 158 -28.40 -1.49 21.31
C ILE D 158 -27.63 -0.78 20.19
N LEU D 159 -26.85 -1.54 19.43
CA LEU D 159 -26.26 -1.02 18.20
C LEU D 159 -27.21 -1.32 17.06
N VAL D 160 -27.49 -0.32 16.24
CA VAL D 160 -28.52 -0.41 15.20
C VAL D 160 -27.88 -0.28 13.83
N ILE D 161 -28.33 -1.11 12.88
CA ILE D 161 -28.02 -0.95 11.47
C ILE D 161 -29.28 -0.44 10.79
N HIS D 162 -29.18 0.73 10.15
CA HIS D 162 -30.35 1.41 9.61
C HIS D 162 -30.60 1.06 8.16
N THR D 163 -31.82 1.36 7.72
CA THR D 163 -32.27 1.02 6.37
C THR D 163 -31.44 1.71 5.30
N THR D 164 -31.09 2.98 5.50
CA THR D 164 -30.33 3.68 4.48
C THR D 164 -29.21 4.47 5.16
N TYR D 165 -28.55 5.32 4.38
CA TYR D 165 -27.34 5.97 4.84
C TYR D 165 -27.64 7.10 5.81
N ASP D 166 -26.70 7.35 6.68
CA ASP D 166 -26.73 8.46 7.60
C ASP D 166 -26.10 9.67 6.90
N ASP D 167 -26.82 10.80 6.86
CA ASP D 167 -26.32 11.96 6.15
C ASP D 167 -25.39 12.82 6.99
N LEU D 168 -24.97 12.31 8.15
CA LEU D 168 -23.97 12.94 9.00
C LEU D 168 -24.38 14.35 9.42
N GLY D 169 -25.68 14.60 9.47
CA GLY D 169 -26.18 15.89 9.88
C GLY D 169 -26.10 16.98 8.84
N ARG D 170 -25.77 16.64 7.59
CA ARG D 170 -25.57 17.61 6.53
C ARG D 170 -26.64 17.56 5.47
N GLY D 171 -27.65 16.72 5.63
CA GLY D 171 -28.60 16.46 4.57
C GLY D 171 -29.67 17.50 4.39
N GLY D 172 -29.68 18.55 5.20
CA GLY D 172 -30.66 19.62 5.07
C GLY D 172 -32.07 19.28 5.48
N SER D 173 -32.33 18.06 5.95
CA SER D 173 -33.65 17.70 6.47
C SER D 173 -33.76 18.10 7.93
N PRO D 174 -34.98 18.08 8.52
CA PRO D 174 -35.12 18.47 9.93
C PRO D 174 -34.60 17.42 10.90
N VAL D 175 -34.83 16.14 10.58
CA VAL D 175 -34.26 15.09 11.40
C VAL D 175 -32.78 14.91 11.18
N SER D 176 -32.20 15.59 10.19
N SER D 176 -32.20 15.59 10.19
CA SER D 176 -30.78 15.42 9.87
CA SER D 176 -30.78 15.40 9.88
C SER D 176 -29.91 15.72 11.08
C SER D 176 -29.89 15.74 11.06
N LYS D 177 -30.27 16.74 11.86
CA LYS D 177 -29.55 17.04 13.08
C LYS D 177 -30.06 16.23 14.26
N VAL D 178 -31.10 15.42 14.07
N VAL D 178 -31.13 15.46 14.06
CA VAL D 178 -31.61 14.56 15.12
CA VAL D 178 -31.62 14.55 15.09
C VAL D 178 -31.02 13.16 15.02
C VAL D 178 -30.94 13.20 15.00
N ASN D 179 -30.93 12.60 13.80
CA ASN D 179 -30.43 11.23 13.67
C ASN D 179 -29.86 10.93 12.29
N GLY D 180 -29.50 11.95 11.49
CA GLY D 180 -28.94 11.70 10.18
C GLY D 180 -29.91 11.18 9.14
N ASN D 181 -31.21 11.08 9.48
CA ASN D 181 -32.24 10.68 8.53
C ASN D 181 -31.92 9.35 7.86
N ALA D 182 -31.41 8.40 8.63
CA ALA D 182 -31.03 7.11 8.06
C ALA D 182 -32.20 6.14 7.95
N GLY D 183 -33.42 6.56 8.26
CA GLY D 183 -34.57 5.69 8.07
C GLY D 183 -34.81 4.72 9.23
N GLY D 184 -35.45 3.59 8.91
CA GLY D 184 -35.82 2.60 9.88
C GLY D 184 -34.70 1.63 10.19
N ARG D 185 -35.08 0.49 10.76
CA ARG D 185 -34.13 -0.47 11.29
C ARG D 185 -34.07 -1.72 10.44
N LEU D 186 -32.86 -2.20 10.19
CA LEU D 186 -32.63 -3.49 9.54
C LEU D 186 -32.19 -4.55 10.53
N ALA D 187 -31.30 -4.20 11.46
CA ALA D 187 -30.77 -5.19 12.38
C ALA D 187 -30.22 -4.48 13.60
N CYS D 188 -30.17 -5.21 14.70
CA CYS D 188 -29.57 -4.60 15.90
C CYS D 188 -28.98 -5.67 16.82
N GLY D 189 -28.14 -5.25 17.75
CA GLY D 189 -27.57 -6.15 18.73
C GLY D 189 -27.11 -5.40 19.96
N ILE D 190 -27.22 -6.05 21.11
CA ILE D 190 -26.79 -5.44 22.37
C ILE D 190 -25.27 -5.53 22.48
N ILE D 191 -24.63 -4.42 22.81
CA ILE D 191 -23.20 -4.40 23.12
C ILE D 191 -22.99 -4.91 24.54
N SER D 192 -22.24 -5.99 24.70
CA SER D 192 -22.07 -6.61 26.00
C SER D 192 -20.62 -7.04 26.19
N TYR D 193 -20.29 -7.45 27.41
CA TYR D 193 -18.93 -7.87 27.72
C TYR D 193 -18.59 -9.21 27.07
N VAL D 194 -17.37 -9.35 26.58
CA VAL D 194 -16.93 -10.66 26.08
C VAL D 194 -17.01 -11.72 27.19
N VAL E 30 27.04 39.98 -5.23
CA VAL E 30 25.74 39.43 -4.86
C VAL E 30 25.62 39.38 -3.33
N ASN E 31 24.37 39.26 -2.86
CA ASN E 31 24.04 39.23 -1.45
C ASN E 31 23.93 37.78 -0.98
N TYR E 32 24.52 37.47 0.18
CA TYR E 32 24.69 36.09 0.61
C TYR E 32 23.39 35.40 0.97
N LEU E 33 22.31 36.17 1.20
CA LEU E 33 21.01 35.55 1.43
C LEU E 33 20.50 34.86 0.19
N PHE E 34 21.08 35.16 -0.98
CA PHE E 34 20.61 34.62 -2.24
C PHE E 34 21.53 33.54 -2.79
N ARG E 35 22.47 33.03 -1.99
CA ARG E 35 23.55 32.18 -2.47
C ARG E 35 23.48 30.78 -1.87
N GLY E 36 24.13 29.84 -2.57
CA GLY E 36 24.43 28.52 -2.05
C GLY E 36 23.16 27.79 -1.71
N PRO E 37 23.31 26.66 -1.04
CA PRO E 37 22.15 26.01 -0.44
C PRO E 37 21.74 26.78 0.81
N VAL E 38 20.44 26.82 1.05
CA VAL E 38 19.93 27.42 2.28
C VAL E 38 19.15 26.36 3.05
N THR E 39 19.37 26.33 4.36
CA THR E 39 18.72 25.38 5.25
C THR E 39 17.88 26.14 6.26
N ALA E 40 16.64 25.69 6.45
CA ALA E 40 15.73 26.32 7.38
C ALA E 40 15.11 25.26 8.27
N VAL E 41 14.64 25.68 9.45
CA VAL E 41 14.00 24.77 10.40
C VAL E 41 12.79 25.46 11.01
N ALA E 42 11.88 24.62 11.52
CA ALA E 42 10.71 25.07 12.28
C ALA E 42 10.59 24.21 13.53
N ALA E 43 10.56 24.86 14.69
CA ALA E 43 10.31 24.17 15.95
C ALA E 43 8.80 24.12 16.15
N ILE E 44 8.22 22.94 15.99
CA ILE E 44 6.78 22.76 16.03
C ILE E 44 6.36 22.43 17.46
N ALA E 45 5.41 23.20 18.00
CA ALA E 45 4.92 22.92 19.34
C ALA E 45 3.45 23.30 19.47
N GLY E 46 2.74 22.51 20.30
CA GLY E 46 1.40 22.86 20.73
C GLY E 46 1.43 23.43 22.14
N GLU E 47 0.30 24.04 22.51
CA GLU E 47 0.21 24.80 23.74
C GLU E 47 -1.00 24.30 24.53
N GLY E 48 -0.91 24.38 25.86
CA GLY E 48 -2.03 24.01 26.70
C GLY E 48 -2.40 22.55 26.54
N GLU E 49 -3.65 22.29 26.13
CA GLU E 49 -4.16 20.93 26.01
C GLU E 49 -3.55 20.17 24.84
N HIS E 50 -2.68 20.80 24.06
CA HIS E 50 -1.93 20.10 23.02
C HIS E 50 -0.43 20.32 23.20
N ALA E 51 -0.01 20.55 24.44
CA ALA E 51 1.41 20.72 24.74
C ALA E 51 2.22 19.47 24.42
N GLY E 52 1.58 18.32 24.31
CA GLY E 52 2.29 17.11 23.93
C GLY E 52 2.55 16.96 22.44
N ILE E 53 2.09 17.91 21.63
CA ILE E 53 2.43 17.93 20.21
C ILE E 53 3.78 18.62 20.07
N LYS E 54 4.83 17.84 19.83
CA LYS E 54 6.19 18.32 19.63
C LYS E 54 6.73 17.79 18.31
N GLY E 55 7.53 18.61 17.63
CA GLY E 55 8.07 18.22 16.34
C GLY E 55 9.12 19.20 15.85
N SER E 56 9.82 18.76 14.81
CA SER E 56 10.84 19.54 14.13
C SER E 56 10.73 19.26 12.64
N LEU E 57 10.85 20.30 11.83
CA LEU E 57 10.95 20.13 10.39
C LEU E 57 12.20 20.85 9.89
N THR E 58 12.87 20.22 8.92
CA THR E 58 13.97 20.84 8.20
C THR E 58 13.59 21.09 6.75
N PHE E 59 13.96 22.27 6.26
CA PHE E 59 13.71 22.72 4.89
C PHE E 59 15.05 22.90 4.21
N LEU E 60 15.23 22.28 3.05
CA LEU E 60 16.47 22.39 2.29
C LEU E 60 16.15 22.76 0.85
N GLN E 61 16.72 23.88 0.40
CA GLN E 61 16.60 24.32 -0.98
C GLN E 61 17.99 24.63 -1.51
N LYS E 62 18.41 23.87 -2.52
CA LYS E 62 19.81 23.87 -2.93
C LYS E 62 20.15 25.09 -3.78
N SER E 63 19.28 25.46 -4.71
CA SER E 63 19.53 26.54 -5.65
C SER E 63 18.31 27.43 -5.75
N LEU E 64 18.53 28.64 -6.29
CA LEU E 64 17.47 29.64 -6.39
C LEU E 64 16.28 29.09 -7.17
N ASP E 65 15.09 29.24 -6.59
CA ASP E 65 13.83 28.68 -7.10
C ASP E 65 13.93 27.18 -7.42
N GLY E 66 14.94 26.50 -6.88
CA GLY E 66 15.05 25.07 -7.02
C GLY E 66 13.98 24.35 -6.21
N ARG E 67 14.12 23.03 -6.18
CA ARG E 67 13.25 22.20 -5.37
C ARG E 67 13.56 22.41 -3.88
N THR E 68 12.52 22.39 -3.06
CA THR E 68 12.69 22.50 -1.61
C THR E 68 12.19 21.22 -0.95
N VAL E 69 13.05 20.59 -0.16
CA VAL E 69 12.77 19.29 0.45
C VAL E 69 12.56 19.48 1.94
N ILE E 70 11.49 18.86 2.46
CA ILE E 70 11.03 19.02 3.85
C ILE E 70 10.99 17.67 4.53
N ASN E 71 11.60 17.57 5.71
CA ASN E 71 11.70 16.30 6.40
C ASN E 71 11.63 16.53 7.90
N GLY E 72 11.01 15.59 8.59
CA GLY E 72 10.96 15.67 10.03
C GLY E 72 9.86 14.78 10.56
N THR E 73 9.59 14.96 11.85
CA THR E 73 8.56 14.16 12.51
C THR E 73 7.84 15.05 13.50
N ILE E 74 6.56 14.75 13.72
CA ILE E 74 5.78 15.37 14.78
C ILE E 74 5.01 14.28 15.51
N SER E 75 5.12 14.27 16.83
CA SER E 75 4.45 13.28 17.67
C SER E 75 3.31 13.93 18.43
N GLY E 76 2.53 13.08 19.11
CA GLY E 76 1.41 13.57 19.90
C GLY E 76 0.21 14.04 19.11
N LEU E 77 0.14 13.71 17.83
CA LEU E 77 -0.97 14.17 17.00
C LEU E 77 -2.18 13.23 17.12
N PRO E 78 -3.39 13.76 17.00
CA PRO E 78 -4.55 12.88 16.80
C PRO E 78 -4.40 12.09 15.50
N GLU E 79 -4.80 10.83 15.55
CA GLU E 79 -4.77 9.98 14.37
C GLU E 79 -5.54 10.63 13.23
N GLY E 80 -4.99 10.55 12.03
CA GLY E 80 -5.67 11.01 10.84
C GLY E 80 -4.90 12.11 10.13
N LYS E 81 -5.59 12.74 9.17
CA LYS E 81 -4.99 13.76 8.31
C LYS E 81 -5.04 15.13 8.97
N HIS E 82 -4.04 15.96 8.66
CA HIS E 82 -3.98 17.29 9.23
C HIS E 82 -3.41 18.24 8.19
N GLY E 83 -4.07 19.37 7.99
CA GLY E 83 -3.61 20.35 7.02
C GLY E 83 -2.37 21.08 7.52
N LEU E 84 -1.46 21.36 6.59
CA LEU E 84 -0.17 21.96 6.88
C LEU E 84 0.03 23.19 5.99
N HIS E 85 -0.02 24.38 6.61
CA HIS E 85 0.04 25.64 5.87
C HIS E 85 1.04 26.60 6.51
N ILE E 86 1.67 27.39 5.66
CA ILE E 86 2.42 28.55 6.10
C ILE E 86 1.50 29.75 6.12
N HIS E 87 1.35 30.39 7.27
N HIS E 87 1.38 30.39 7.28
CA HIS E 87 0.44 31.52 7.35
CA HIS E 87 0.51 31.54 7.50
C HIS E 87 1.17 32.82 7.01
C HIS E 87 1.20 32.83 7.01
N ASP E 88 0.38 33.86 6.80
CA ASP E 88 0.90 35.16 6.37
C ASP E 88 1.70 35.86 7.48
N SER E 89 1.45 35.53 8.74
CA SER E 89 2.09 36.15 9.88
C SER E 89 3.08 35.19 10.52
N GLY E 90 4.15 35.74 11.09
CA GLY E 90 5.03 34.98 11.94
C GLY E 90 4.95 35.39 13.39
N ASP E 91 3.87 36.09 13.76
CA ASP E 91 3.74 36.69 15.09
C ASP E 91 3.35 35.64 16.12
N MET E 92 4.29 35.27 17.00
CA MET E 92 3.98 34.37 18.10
C MET E 92 3.88 35.06 19.45
N THR E 93 3.66 36.38 19.48
CA THR E 93 3.62 37.03 20.79
C THR E 93 2.34 36.73 21.55
N LYS E 94 1.25 36.36 20.87
CA LYS E 94 0.04 35.92 21.55
C LYS E 94 -0.15 34.41 21.45
N GLY E 95 0.93 33.67 21.24
CA GLY E 95 0.84 32.22 21.22
C GLY E 95 0.30 31.67 19.92
N CYS E 96 0.29 30.33 19.86
CA CYS E 96 -0.11 29.64 18.65
C CYS E 96 -1.59 29.86 18.32
N TYR E 97 -2.46 29.83 19.32
CA TYR E 97 -3.91 29.77 19.11
C TYR E 97 -4.52 31.17 19.23
N ILE E 98 -4.67 31.85 18.09
CA ILE E 98 -5.25 33.18 18.04
C ILE E 98 -6.11 33.29 16.77
N THR E 99 -7.24 33.99 16.88
CA THR E 99 -8.20 34.05 15.78
C THR E 99 -7.83 35.11 14.74
N THR E 100 -7.02 36.10 15.09
N THR E 100 -6.96 36.06 15.09
CA THR E 100 -6.78 37.25 14.23
CA THR E 100 -6.30 36.96 14.13
C THR E 100 -5.82 36.96 13.08
C THR E 100 -6.09 36.25 12.78
N ALA E 101 -5.26 35.75 13.00
N ALA E 101 -6.86 36.65 11.77
CA ALA E 101 -4.28 35.39 11.97
CA ALA E 101 -6.93 35.94 10.51
C ALA E 101 -4.86 34.25 11.14
C ALA E 101 -6.50 36.87 9.38
N LYS E 102 -5.70 34.60 10.17
N LYS E 102 -5.21 36.84 9.05
CA LYS E 102 -6.39 33.59 9.37
CA LYS E 102 -4.71 37.47 7.85
C LYS E 102 -5.67 33.28 8.07
C LYS E 102 -4.46 36.47 6.72
N GLY E 103 -5.23 34.30 7.35
N GLY E 103 -4.77 35.18 6.95
CA GLY E 103 -4.84 34.11 5.96
CA GLY E 103 -4.79 34.20 5.88
C GLY E 103 -3.55 33.33 5.80
C GLY E 103 -3.46 33.49 5.66
N HIS E 104 -3.32 32.65 4.92
CA HIS E 104 -2.25 31.84 4.28
C HIS E 104 -1.32 32.74 3.47
N LEU E 105 -0.01 32.49 3.54
N LEU E 105 0.03 32.55 3.59
CA LEU E 105 0.96 33.27 2.74
CA LEU E 105 1.01 33.34 2.79
C LEU E 105 0.49 33.25 1.28
C LEU E 105 0.54 33.32 1.33
N ASN E 106 -0.01 34.38 0.77
CA ASN E 106 -0.60 34.41 -0.60
C ASN E 106 -0.07 35.63 -1.37
N PRO E 107 1.26 35.77 -1.55
CA PRO E 107 1.83 36.91 -2.24
C PRO E 107 1.34 37.08 -3.69
N PHE E 108 0.84 36.01 -4.30
CA PHE E 108 0.44 36.09 -5.73
C PHE E 108 -1.08 36.27 -5.88
N ASN E 109 -1.78 36.47 -4.77
CA ASN E 109 -3.25 36.74 -4.81
C ASN E 109 -4.01 35.64 -5.55
N LEU E 110 -3.69 34.38 -5.29
CA LEU E 110 -4.43 33.26 -5.84
C LEU E 110 -5.36 32.68 -4.76
N SER E 111 -6.13 31.67 -5.16
CA SER E 111 -7.04 31.04 -4.22
C SER E 111 -6.36 29.84 -3.55
N HIS E 112 -7.00 29.32 -2.52
CA HIS E 112 -6.49 28.13 -1.87
C HIS E 112 -6.56 26.94 -2.83
N GLY E 113 -5.49 26.14 -2.83
CA GLY E 113 -5.49 24.89 -3.58
C GLY E 113 -4.60 23.82 -2.95
N ALA E 114 -4.32 22.75 -3.71
CA ALA E 114 -3.40 21.69 -3.32
C ALA E 114 -1.97 22.08 -3.65
N PRO E 115 -0.97 21.40 -3.06
CA PRO E 115 0.42 21.72 -3.40
C PRO E 115 0.73 21.63 -4.89
N SER E 116 0.08 20.71 -5.61
CA SER E 116 0.32 20.49 -7.02
C SER E 116 -0.58 21.35 -7.92
N ASP E 117 -1.51 22.11 -7.33
CA ASP E 117 -2.38 22.98 -8.10
C ASP E 117 -1.62 24.23 -8.55
N SER E 118 -1.95 24.70 -9.75
CA SER E 118 -1.38 25.96 -10.21
C SER E 118 -1.99 27.14 -9.45
N ALA E 119 -3.29 27.09 -9.21
CA ALA E 119 -3.96 28.10 -8.38
C ALA E 119 -3.83 27.65 -6.92
N ARG E 120 -2.80 28.13 -6.25
CA ARG E 120 -2.57 27.80 -4.86
C ARG E 120 -1.90 28.97 -4.14
N HIS E 121 -2.13 29.03 -2.82
CA HIS E 121 -1.32 29.88 -1.97
C HIS E 121 0.11 29.34 -1.87
N VAL E 122 1.06 30.27 -1.79
CA VAL E 122 2.45 29.89 -1.53
C VAL E 122 2.52 28.98 -0.31
N GLY E 123 1.70 29.25 0.70
CA GLY E 123 1.74 28.50 1.93
C GLY E 123 0.93 27.22 1.95
N ASP E 124 0.42 26.78 0.80
CA ASP E 124 -0.41 25.58 0.72
C ASP E 124 0.50 24.36 0.57
N LEU E 125 0.70 23.64 1.67
CA LEU E 125 1.56 22.47 1.67
C LEU E 125 0.78 21.16 1.82
N GLY E 126 -0.54 21.20 1.73
CA GLY E 126 -1.34 19.99 1.67
C GLY E 126 -1.64 19.42 3.05
N ASN E 127 -1.47 18.10 3.19
CA ASN E 127 -1.83 17.38 4.41
C ASN E 127 -0.66 16.52 4.88
N ILE E 128 -0.56 16.35 6.19
CA ILE E 128 0.30 15.33 6.77
C ILE E 128 -0.64 14.27 7.36
N TYR E 129 -0.11 13.07 7.55
CA TYR E 129 -0.88 11.96 8.08
C TYR E 129 -0.22 11.46 9.36
N ALA E 130 -1.03 11.26 10.40
CA ALA E 130 -0.59 10.71 11.67
C ALA E 130 -1.35 9.40 11.91
N ASP E 131 -0.63 8.35 12.29
CA ASP E 131 -1.24 7.06 12.54
C ASP E 131 -1.52 6.88 14.03
N ASP E 132 -1.91 5.64 14.40
CA ASP E 132 -2.36 5.39 15.77
C ASP E 132 -1.27 5.69 16.80
N THR E 133 -0.01 5.79 16.37
CA THR E 133 1.03 6.21 17.30
C THR E 133 1.07 7.71 17.51
N GLY E 134 0.26 8.46 16.77
CA GLY E 134 0.31 9.91 16.84
C GLY E 134 1.56 10.54 16.26
N ILE E 135 2.44 9.76 15.66
CA ILE E 135 3.65 10.30 15.06
C ILE E 135 3.42 10.41 13.57
N SER E 136 3.60 11.61 13.04
CA SER E 136 3.62 11.81 11.60
C SER E 136 5.07 11.90 11.15
N VAL E 137 5.43 11.09 10.17
CA VAL E 137 6.73 11.14 9.52
C VAL E 137 6.54 11.89 8.20
N ILE E 138 7.27 12.99 8.04
CA ILE E 138 6.99 13.97 7.01
C ILE E 138 8.14 14.00 6.03
N ASN E 139 7.85 13.72 4.76
CA ASN E 139 8.82 13.88 3.67
C ASN E 139 8.08 14.55 2.52
N LEU E 140 8.43 15.79 2.22
CA LEU E 140 7.71 16.58 1.23
C LEU E 140 8.69 17.22 0.27
N THR E 141 8.19 17.48 -0.92
CA THR E 141 8.89 18.22 -1.95
C THR E 141 7.97 19.34 -2.42
N ASP E 142 8.52 20.52 -2.66
CA ASP E 142 7.72 21.65 -3.09
C ASP E 142 8.54 22.58 -3.97
N THR E 143 7.89 23.15 -4.98
CA THR E 143 8.54 24.04 -5.93
C THR E 143 8.08 25.49 -5.80
N VAL E 144 6.99 25.73 -5.08
CA VAL E 144 6.47 27.09 -4.94
C VAL E 144 7.25 27.85 -3.86
N ILE E 145 7.25 27.32 -2.62
CA ILE E 145 7.89 28.02 -1.51
C ILE E 145 9.36 28.28 -1.80
N SER E 146 9.89 29.34 -1.20
CA SER E 146 11.30 29.65 -1.38
C SER E 146 11.95 30.01 -0.04
N LEU E 147 13.17 29.53 0.15
CA LEU E 147 13.98 29.90 1.33
C LEU E 147 14.90 31.04 0.91
N PHE E 148 14.77 31.50 -0.34
CA PHE E 148 15.54 32.67 -0.81
C PHE E 148 14.63 33.89 -0.75
N PRO E 149 15.16 35.09 -0.45
CA PRO E 149 14.30 36.26 -0.25
CA PRO E 149 14.28 36.27 -0.28
C PRO E 149 13.54 36.70 -1.57
N THR E 150 12.87 35.73 -2.17
CA THR E 150 12.05 36.03 -3.36
C THR E 150 10.64 36.31 -2.86
N PRO E 151 9.68 36.74 -3.70
CA PRO E 151 8.30 36.95 -3.27
C PRO E 151 7.67 35.75 -2.55
N ALA E 152 8.15 34.53 -2.82
CA ALA E 152 7.59 33.31 -2.19
C ALA E 152 8.33 32.99 -0.89
N PHE E 153 9.21 33.87 -0.45
CA PHE E 153 9.96 33.67 0.79
C PHE E 153 9.04 33.25 1.94
N VAL E 154 9.40 32.17 2.63
CA VAL E 154 8.62 31.66 3.75
C VAL E 154 9.31 31.81 5.11
N ILE E 155 10.57 32.23 5.14
CA ILE E 155 11.23 32.42 6.42
C ILE E 155 10.55 33.58 7.17
N GLY E 156 10.43 33.43 8.48
CA GLY E 156 9.82 34.43 9.31
C GLY E 156 8.31 34.34 9.43
N ARG E 157 7.71 33.29 8.89
CA ARG E 157 6.28 33.02 8.97
C ARG E 157 6.05 31.77 9.79
N ILE E 158 4.85 31.65 10.33
CA ILE E 158 4.48 30.51 11.18
C ILE E 158 3.98 29.36 10.30
N LEU E 159 4.47 28.17 10.59
CA LEU E 159 3.94 26.94 10.00
C LEU E 159 2.88 26.38 10.94
N VAL E 160 1.70 26.04 10.39
CA VAL E 160 0.55 25.65 11.19
C VAL E 160 0.13 24.23 10.82
N ILE E 161 -0.07 23.40 11.84
CA ILE E 161 -0.72 22.10 11.69
C ILE E 161 -2.16 22.24 12.19
N HIS E 162 -3.12 21.93 11.32
CA HIS E 162 -4.52 22.22 11.59
C HIS E 162 -5.21 21.05 12.29
N THR E 163 -6.40 21.33 12.82
CA THR E 163 -7.14 20.33 13.58
C THR E 163 -7.64 19.19 12.68
N THR E 164 -8.13 19.51 11.49
CA THR E 164 -8.55 18.46 10.56
C THR E 164 -7.88 18.64 9.21
N TYR E 165 -8.32 17.91 8.19
CA TYR E 165 -7.60 17.85 6.93
C TYR E 165 -7.95 19.01 6.00
N ASP E 166 -6.94 19.44 5.25
CA ASP E 166 -7.08 20.42 4.19
C ASP E 166 -7.82 19.79 3.02
N ASP E 167 -8.99 20.32 2.67
CA ASP E 167 -9.75 19.76 1.57
C ASP E 167 -9.27 20.27 0.20
N LEU E 168 -8.07 20.85 0.13
CA LEU E 168 -7.42 21.27 -1.12
C LEU E 168 -8.35 22.10 -2.01
N GLY E 169 -9.29 22.81 -1.38
CA GLY E 169 -10.18 23.69 -2.12
C GLY E 169 -11.21 22.98 -2.97
N ARG E 170 -11.62 21.78 -2.55
CA ARG E 170 -12.61 21.01 -3.29
C ARG E 170 -13.71 20.45 -2.39
N GLY E 171 -13.78 20.89 -1.14
CA GLY E 171 -14.79 20.41 -0.23
C GLY E 171 -16.17 20.96 -0.44
N GLY E 172 -16.36 21.86 -1.41
CA GLY E 172 -17.66 22.39 -1.74
C GLY E 172 -18.18 23.47 -0.82
N SER E 173 -17.48 23.77 0.27
CA SER E 173 -17.90 24.80 1.20
C SER E 173 -17.27 26.15 0.83
N PRO E 174 -17.85 27.26 1.31
CA PRO E 174 -17.28 28.58 0.96
C PRO E 174 -15.83 28.75 1.41
N VAL E 175 -15.49 28.30 2.62
CA VAL E 175 -14.13 28.42 3.13
C VAL E 175 -13.15 27.52 2.39
N SER E 176 -13.62 26.56 1.58
CA SER E 176 -12.71 25.67 0.87
C SER E 176 -11.73 26.45 -0.01
N LYS E 177 -12.24 27.40 -0.79
CA LYS E 177 -11.38 28.24 -1.64
C LYS E 177 -10.50 29.18 -0.83
N VAL E 178 -10.76 29.34 0.47
CA VAL E 178 -10.07 30.29 1.32
C VAL E 178 -8.89 29.61 1.99
N ASN E 179 -9.15 28.53 2.73
CA ASN E 179 -8.13 27.91 3.55
C ASN E 179 -8.17 26.38 3.56
N GLY E 180 -9.07 25.76 2.81
CA GLY E 180 -9.21 24.32 2.83
C GLY E 180 -10.09 23.78 3.92
N ASN E 181 -10.72 24.65 4.71
CA ASN E 181 -11.67 24.25 5.74
C ASN E 181 -11.05 23.22 6.68
N ALA E 182 -9.80 23.49 7.09
CA ALA E 182 -9.07 22.55 7.93
C ALA E 182 -9.22 22.83 9.43
N GLY E 183 -10.17 23.68 9.82
CA GLY E 183 -10.48 23.82 11.23
C GLY E 183 -9.43 24.63 11.98
N GLY E 184 -9.45 24.49 13.30
CA GLY E 184 -8.55 25.23 14.17
C GLY E 184 -7.09 24.80 14.12
N ARG E 185 -6.31 25.21 15.11
CA ARG E 185 -4.88 24.96 15.15
C ARG E 185 -4.55 23.95 16.23
N LEU E 186 -3.61 23.04 15.92
CA LEU E 186 -3.05 22.17 16.93
C LEU E 186 -1.66 22.61 17.37
N ALA E 187 -0.82 23.06 16.45
CA ALA E 187 0.55 23.39 16.76
C ALA E 187 1.09 24.39 15.74
N CYS E 188 2.04 25.21 16.19
CA CYS E 188 2.64 26.26 15.38
C CYS E 188 4.16 26.19 15.49
N GLY E 189 4.81 26.82 14.52
CA GLY E 189 6.25 27.01 14.57
C GLY E 189 6.72 28.01 13.53
N ILE E 190 7.62 28.90 13.91
CA ILE E 190 8.17 29.89 12.99
C ILE E 190 9.23 29.22 12.12
N ILE E 191 9.18 29.49 10.82
CA ILE E 191 10.24 29.01 9.93
C ILE E 191 11.43 29.95 10.03
N SER E 192 12.60 29.40 10.33
CA SER E 192 13.77 30.24 10.57
C SER E 192 15.01 29.58 9.98
N TYR E 193 16.10 30.35 9.95
CA TYR E 193 17.38 29.88 9.44
C TYR E 193 18.04 28.89 10.39
N VAL E 194 18.77 27.93 9.80
CA VAL E 194 19.50 26.97 10.63
C VAL E 194 20.59 27.68 11.42
N VAL F 30 5.46 -7.21 31.18
CA VAL F 30 6.15 -7.19 29.89
C VAL F 30 7.39 -6.31 29.97
N ASN F 31 8.44 -6.70 29.27
CA ASN F 31 9.66 -5.90 29.19
C ASN F 31 9.40 -4.68 28.32
N TYR F 32 9.32 -3.51 28.94
CA TYR F 32 8.98 -2.28 28.23
C TYR F 32 10.04 -1.85 27.22
N LEU F 33 11.23 -2.46 27.23
CA LEU F 33 12.23 -2.06 26.25
C LEU F 33 11.91 -2.55 24.85
N PHE F 34 10.97 -3.49 24.71
CA PHE F 34 10.71 -4.14 23.42
C PHE F 34 9.37 -3.72 22.81
N ARG F 35 8.78 -2.62 23.27
CA ARG F 35 7.43 -2.25 22.87
C ARG F 35 7.35 -0.78 22.47
N GLY F 36 6.20 -0.42 21.88
CA GLY F 36 5.85 0.96 21.60
C GLY F 36 6.83 1.64 20.67
N PRO F 37 6.51 2.88 20.28
CA PRO F 37 7.50 3.70 19.57
C PRO F 37 8.66 4.04 20.49
N VAL F 38 9.87 4.07 19.92
CA VAL F 38 11.06 4.37 20.71
C VAL F 38 11.87 5.42 19.95
N THR F 39 12.36 6.40 20.69
CA THR F 39 13.17 7.49 20.16
C THR F 39 14.52 7.50 20.86
N ALA F 40 15.58 7.63 20.07
CA ALA F 40 16.92 7.80 20.59
C ALA F 40 17.50 9.07 20.00
N VAL F 41 18.56 9.58 20.62
CA VAL F 41 19.25 10.76 20.14
C VAL F 41 20.74 10.56 20.30
N ALA F 42 21.49 11.31 19.51
CA ALA F 42 22.93 11.44 19.66
C ALA F 42 23.28 12.91 19.62
N ALA F 43 24.02 13.37 20.62
CA ALA F 43 24.55 14.74 20.66
C ALA F 43 25.94 14.69 20.04
N ILE F 44 26.08 15.29 18.86
CA ILE F 44 27.28 15.15 18.05
C ILE F 44 28.21 16.33 18.32
N ALA F 45 29.48 16.04 18.57
CA ALA F 45 30.45 17.10 18.81
C ALA F 45 31.84 16.61 18.48
N GLY F 46 32.65 17.51 17.92
CA GLY F 46 34.07 17.29 17.80
C GLY F 46 34.81 17.93 18.97
N GLU F 47 36.12 17.72 18.98
CA GLU F 47 36.97 18.34 19.98
C GLU F 47 38.16 18.99 19.29
N GLY F 48 38.99 19.65 20.10
CA GLY F 48 40.20 20.25 19.57
C GLY F 48 39.89 21.32 18.54
N GLU F 49 40.52 21.20 17.37
CA GLU F 49 40.27 22.12 16.28
C GLU F 49 38.98 21.81 15.53
N HIS F 50 38.38 20.65 15.78
CA HIS F 50 37.03 20.38 15.33
C HIS F 50 35.99 20.68 16.40
N ALA F 51 36.36 21.49 17.39
CA ALA F 51 35.40 21.93 18.39
C ALA F 51 34.19 22.62 17.76
N GLY F 52 34.34 23.16 16.54
CA GLY F 52 33.24 23.81 15.86
C GLY F 52 32.18 22.88 15.32
N ILE F 53 32.48 21.59 15.17
CA ILE F 53 31.51 20.63 14.65
C ILE F 53 30.54 20.28 15.78
N LYS F 54 29.27 20.63 15.60
CA LYS F 54 28.25 20.39 16.62
C LYS F 54 26.93 20.06 15.94
N GLY F 55 26.16 19.19 16.57
CA GLY F 55 24.86 18.84 16.03
C GLY F 55 24.19 17.76 16.83
N SER F 56 23.12 17.22 16.25
CA SER F 56 22.41 16.13 16.90
C SER F 56 21.57 15.39 15.87
N LEU F 57 21.28 14.14 16.18
CA LEU F 57 20.46 13.28 15.34
C LEU F 57 19.38 12.67 16.21
N THR F 58 18.18 12.51 15.63
CA THR F 58 17.10 11.79 16.26
C THR F 58 16.82 10.52 15.48
N PHE F 59 16.66 9.42 16.22
CA PHE F 59 16.33 8.10 15.69
C PHE F 59 14.93 7.75 16.15
N LEU F 60 14.08 7.34 15.21
CA LEU F 60 12.72 6.92 15.57
C LEU F 60 12.41 5.59 14.92
N GLN F 61 11.98 4.62 15.74
CA GLN F 61 11.55 3.31 15.28
C GLN F 61 10.22 3.05 15.96
N LYS F 62 9.16 2.88 15.15
CA LYS F 62 7.81 2.82 15.68
C LYS F 62 7.48 1.44 16.26
N SER F 63 8.03 0.38 15.71
CA SER F 63 7.70 -0.97 16.12
C SER F 63 8.91 -1.87 15.93
N LEU F 64 8.92 -2.96 16.71
CA LEU F 64 10.01 -3.92 16.65
C LEU F 64 10.35 -4.31 15.21
N ASP F 65 11.65 -4.25 14.91
CA ASP F 65 12.21 -4.67 13.62
C ASP F 65 11.72 -3.84 12.44
N GLY F 66 10.79 -2.91 12.66
CA GLY F 66 10.37 -1.98 11.62
C GLY F 66 11.49 -1.08 11.14
N ARG F 67 11.19 -0.12 10.26
CA ARG F 67 12.25 0.75 9.76
C ARG F 67 12.54 1.88 10.76
N THR F 68 13.72 2.47 10.63
CA THR F 68 14.19 3.51 11.53
C THR F 68 14.36 4.81 10.75
N VAL F 69 13.67 5.86 11.19
CA VAL F 69 13.80 7.19 10.61
C VAL F 69 14.88 7.95 11.37
N ILE F 70 15.79 8.59 10.62
CA ILE F 70 16.91 9.31 11.22
C ILE F 70 16.91 10.74 10.70
N ASN F 71 16.80 11.69 11.61
CA ASN F 71 16.67 13.11 11.31
C ASN F 71 17.70 13.87 12.12
N GLY F 72 18.30 14.90 11.52
CA GLY F 72 19.09 15.83 12.29
C GLY F 72 19.83 16.78 11.39
N THR F 73 20.66 17.62 12.01
CA THR F 73 21.50 18.58 11.32
C THR F 73 22.83 18.69 12.05
N ILE F 74 23.90 18.87 11.27
CA ILE F 74 25.25 19.11 11.79
C ILE F 74 25.79 20.40 11.18
N SER F 75 26.39 21.25 12.00
CA SER F 75 27.02 22.47 11.51
C SER F 75 28.54 22.39 11.71
N GLY F 76 29.24 23.32 11.07
CA GLY F 76 30.68 23.44 11.25
C GLY F 76 31.50 22.35 10.60
N LEU F 77 30.90 21.56 9.73
CA LEU F 77 31.58 20.47 9.06
C LEU F 77 32.37 20.99 7.85
N PRO F 78 33.44 20.29 7.47
CA PRO F 78 34.08 20.60 6.19
C PRO F 78 33.22 20.09 5.06
N GLU F 79 33.18 20.85 3.97
CA GLU F 79 32.33 20.55 2.84
C GLU F 79 32.67 19.20 2.23
N GLY F 80 31.66 18.46 1.83
CA GLY F 80 31.83 17.20 1.15
C GLY F 80 31.14 16.06 1.88
N LYS F 81 31.34 14.85 1.35
CA LYS F 81 30.75 13.66 1.93
C LYS F 81 31.58 13.17 3.12
N HIS F 82 30.89 12.63 4.12
CA HIS F 82 31.52 12.10 5.31
C HIS F 82 30.85 10.79 5.71
N GLY F 83 31.65 9.78 6.05
CA GLY F 83 31.10 8.52 6.48
C GLY F 83 30.38 8.65 7.82
N LEU F 84 29.26 7.95 7.95
CA LEU F 84 28.40 8.00 9.13
C LEU F 84 28.26 6.57 9.64
N HIS F 85 28.94 6.24 10.75
CA HIS F 85 29.01 4.86 11.23
C HIS F 85 28.75 4.75 12.72
N ILE F 86 28.18 3.63 13.12
CA ILE F 86 28.03 3.31 14.54
C ILE F 86 29.12 2.32 14.90
N HIS F 87 29.91 2.66 15.93
CA HIS F 87 31.06 1.86 16.32
C HIS F 87 30.64 0.80 17.33
N ASP F 88 31.45 -0.26 17.44
CA ASP F 88 31.16 -1.29 18.43
C ASP F 88 31.30 -0.75 19.86
N SER F 89 32.21 0.17 20.10
CA SER F 89 32.39 0.75 21.43
C SER F 89 31.43 1.92 21.67
N GLY F 90 31.01 2.07 22.92
CA GLY F 90 30.34 3.27 23.38
C GLY F 90 31.21 4.14 24.28
N ASP F 91 32.49 3.81 24.44
CA ASP F 91 33.34 4.41 25.47
C ASP F 91 33.80 5.80 25.03
N MET F 92 33.30 6.84 25.69
CA MET F 92 33.68 8.22 25.42
C MET F 92 34.58 8.81 26.50
N THR F 93 35.11 7.98 27.40
CA THR F 93 35.96 8.52 28.48
C THR F 93 37.24 9.16 27.97
N LYS F 94 37.57 8.99 26.68
CA LYS F 94 38.73 9.62 26.06
C LYS F 94 38.29 10.56 24.93
N GLY F 95 37.08 11.12 25.04
CA GLY F 95 36.55 11.92 23.94
C GLY F 95 36.35 11.08 22.68
N CYS F 96 36.37 11.78 21.54
N CYS F 96 36.32 11.78 21.54
CA CYS F 96 36.14 11.16 20.23
CA CYS F 96 36.11 11.12 20.24
C CYS F 96 37.34 10.35 19.72
C CYS F 96 37.18 10.08 19.93
N TYR F 97 38.35 10.15 20.56
CA TYR F 97 39.42 9.20 20.28
C TYR F 97 39.02 7.82 20.81
N ILE F 98 38.88 6.85 19.93
CA ILE F 98 38.47 5.51 20.32
C ILE F 98 39.70 4.65 20.52
N THR F 99 39.82 4.04 21.71
CA THR F 99 40.98 3.21 22.05
C THR F 99 40.84 1.79 21.51
N THR F 100 39.63 1.23 21.55
CA THR F 100 39.43 -0.13 21.09
C THR F 100 39.61 -0.24 19.57
N ALA F 101 40.11 -1.40 19.14
CA ALA F 101 40.30 -1.68 17.72
C ALA F 101 39.12 -2.45 17.11
N LYS F 102 37.97 -2.46 17.78
CA LYS F 102 36.86 -3.34 17.41
C LYS F 102 36.17 -2.92 16.11
N GLY F 103 36.39 -1.70 15.65
CA GLY F 103 35.77 -1.29 14.41
C GLY F 103 34.26 -1.14 14.54
N HIS F 104 33.60 -1.23 13.38
CA HIS F 104 32.17 -0.95 13.29
C HIS F 104 31.34 -1.99 14.01
N LEU F 105 30.20 -1.54 14.54
CA LEU F 105 29.26 -2.42 15.23
C LEU F 105 28.79 -3.53 14.29
N ASN F 106 29.20 -4.76 14.55
CA ASN F 106 29.06 -5.86 13.59
C ASN F 106 28.70 -7.17 14.30
N PRO F 107 27.57 -7.20 15.02
CA PRO F 107 27.18 -8.44 15.71
C PRO F 107 26.91 -9.61 14.78
N PHE F 108 26.76 -9.40 13.47
CA PHE F 108 26.45 -10.47 12.53
C PHE F 108 27.66 -10.90 11.70
N ASN F 109 28.82 -10.29 11.91
CA ASN F 109 30.07 -10.68 11.27
C ASN F 109 29.95 -10.71 9.74
N LEU F 110 29.58 -9.58 9.16
CA LEU F 110 29.69 -9.42 7.72
C LEU F 110 30.77 -8.40 7.40
N SER F 111 31.02 -8.25 6.11
CA SER F 111 31.95 -7.27 5.61
C SER F 111 31.29 -5.88 5.61
N HIS F 112 32.13 -4.85 5.54
CA HIS F 112 31.61 -3.51 5.42
C HIS F 112 30.97 -3.31 4.06
N GLY F 113 29.79 -2.67 4.05
CA GLY F 113 29.11 -2.36 2.81
C GLY F 113 28.43 -1.00 2.81
N ALA F 114 27.51 -0.80 1.86
CA ALA F 114 26.55 0.30 1.73
C ALA F 114 25.31 0.00 2.57
N PRO F 115 24.59 1.03 3.05
CA PRO F 115 23.41 0.75 3.89
C PRO F 115 22.35 -0.10 3.19
N SER F 116 22.31 -0.08 1.87
CA SER F 116 21.31 -0.83 1.13
C SER F 116 21.81 -2.20 0.69
N ASP F 117 23.07 -2.53 0.92
CA ASP F 117 23.54 -3.89 0.68
C ASP F 117 22.97 -4.86 1.71
N SER F 118 23.24 -6.15 1.49
CA SER F 118 23.02 -7.20 2.47
C SER F 118 24.27 -7.53 3.26
N ALA F 119 25.42 -7.57 2.59
CA ALA F 119 26.71 -7.66 3.27
C ALA F 119 27.09 -6.26 3.74
N ARG F 120 26.71 -5.94 4.97
CA ARG F 120 27.06 -4.67 5.59
C ARG F 120 27.16 -4.87 7.10
N HIS F 121 27.91 -3.99 7.75
CA HIS F 121 27.84 -3.91 9.20
C HIS F 121 26.49 -3.33 9.62
N VAL F 122 26.07 -3.65 10.84
CA VAL F 122 24.90 -2.99 11.40
C VAL F 122 25.13 -1.48 11.44
N GLY F 123 26.33 -1.04 11.80
CA GLY F 123 26.63 0.36 11.90
C GLY F 123 27.00 1.06 10.60
N ASP F 124 26.66 0.46 9.45
CA ASP F 124 27.02 1.03 8.15
C ASP F 124 25.87 1.89 7.63
N LEU F 125 25.94 3.20 7.90
CA LEU F 125 24.85 4.11 7.53
C LEU F 125 25.21 4.98 6.33
N GLY F 126 26.21 4.60 5.55
CA GLY F 126 26.48 5.32 4.32
C GLY F 126 27.22 6.63 4.56
N ASN F 127 26.85 7.67 3.83
CA ASN F 127 27.50 8.97 3.91
C ASN F 127 26.46 10.04 4.22
N ILE F 128 26.91 11.11 4.87
CA ILE F 128 26.17 12.36 4.92
C ILE F 128 26.89 13.36 4.04
N TYR F 129 26.21 14.44 3.69
CA TYR F 129 26.83 15.52 2.92
C TYR F 129 26.73 16.84 3.66
N ALA F 130 27.86 17.53 3.75
CA ALA F 130 27.96 18.89 4.25
C ALA F 130 28.24 19.85 3.09
N ASP F 131 27.53 20.99 3.07
CA ASP F 131 27.72 21.96 2.00
C ASP F 131 28.79 22.98 2.39
N ASP F 132 29.03 23.95 1.50
CA ASP F 132 30.12 24.89 1.68
C ASP F 132 29.89 25.87 2.83
N THR F 133 28.70 25.85 3.43
CA THR F 133 28.44 26.61 4.66
C THR F 133 28.67 25.75 5.90
N GLY F 134 29.00 24.47 5.74
CA GLY F 134 29.27 23.58 6.85
C GLY F 134 28.06 22.87 7.41
N ILE F 135 26.87 23.08 6.83
CA ILE F 135 25.64 22.45 7.27
C ILE F 135 25.49 21.10 6.60
N SER F 136 25.15 20.08 7.38
CA SER F 136 24.70 18.81 6.81
C SER F 136 23.29 18.54 7.30
N VAL F 137 22.36 18.41 6.37
CA VAL F 137 21.01 17.99 6.71
C VAL F 137 20.96 16.47 6.60
N ILE F 138 20.59 15.84 7.70
CA ILE F 138 20.58 14.39 7.79
C ILE F 138 19.15 13.92 7.67
N ASN F 139 18.87 13.14 6.62
CA ASN F 139 17.55 12.56 6.45
C ASN F 139 17.73 11.19 5.80
N LEU F 140 17.52 10.14 6.57
CA LEU F 140 17.60 8.80 6.02
C LEU F 140 16.66 7.89 6.78
N THR F 141 16.41 6.73 6.19
CA THR F 141 15.74 5.64 6.86
C THR F 141 16.59 4.39 6.72
N ASP F 142 16.55 3.53 7.72
CA ASP F 142 17.38 2.33 7.74
C ASP F 142 16.51 1.17 8.20
N THR F 143 16.84 -0.01 7.68
CA THR F 143 16.10 -1.22 7.97
C THR F 143 16.83 -2.17 8.91
N VAL F 144 18.15 -2.01 9.06
CA VAL F 144 18.96 -2.96 9.83
C VAL F 144 19.11 -2.56 11.30
N ILE F 145 19.41 -1.29 11.61
CA ILE F 145 19.65 -0.91 13.02
C ILE F 145 18.37 -1.11 13.85
N SER F 146 18.56 -1.17 15.17
CA SER F 146 17.43 -1.37 16.08
C SER F 146 17.58 -0.50 17.32
N LEU F 147 16.47 0.14 17.70
CA LEU F 147 16.34 0.84 18.97
C LEU F 147 15.71 -0.05 20.04
N PHE F 148 15.40 -1.24 19.71
CA PHE F 148 14.99 -2.24 20.66
C PHE F 148 16.14 -3.20 20.92
N PRO F 149 16.22 -3.77 22.11
CA PRO F 149 17.41 -4.57 22.48
C PRO F 149 17.43 -5.95 21.83
N THR F 150 17.32 -5.96 20.51
CA THR F 150 17.65 -7.10 19.66
C THR F 150 19.13 -7.02 19.28
N PRO F 151 19.68 -8.06 18.64
CA PRO F 151 21.12 -8.02 18.34
C PRO F 151 21.56 -6.82 17.50
N ALA F 152 20.64 -6.12 16.83
CA ALA F 152 21.00 -4.90 16.10
C ALA F 152 20.86 -3.64 16.95
N PHE F 153 20.76 -3.77 18.27
CA PHE F 153 20.74 -2.63 19.19
C PHE F 153 21.93 -1.71 18.91
N VAL F 154 21.66 -0.41 18.83
CA VAL F 154 22.69 0.60 18.62
C VAL F 154 22.77 1.60 19.75
N ILE F 155 21.89 1.51 20.76
CA ILE F 155 21.93 2.43 21.87
C ILE F 155 23.09 2.06 22.78
N GLY F 156 23.74 3.08 23.36
CA GLY F 156 24.95 2.88 24.12
C GLY F 156 26.20 2.72 23.27
N ARG F 157 26.13 3.07 21.98
CA ARG F 157 27.25 3.01 21.05
C ARG F 157 27.55 4.40 20.51
N ILE F 158 28.78 4.59 20.07
CA ILE F 158 29.18 5.87 19.52
C ILE F 158 28.75 5.95 18.05
N LEU F 159 28.10 7.05 17.70
CA LEU F 159 27.89 7.44 16.32
C LEU F 159 29.08 8.28 15.86
N VAL F 160 29.65 7.94 14.70
CA VAL F 160 30.90 8.54 14.25
C VAL F 160 30.66 9.29 12.95
N ILE F 161 31.11 10.54 12.91
CA ILE F 161 31.26 11.30 11.66
C ILE F 161 32.72 11.24 11.27
N HIS F 162 32.99 10.70 10.08
CA HIS F 162 34.34 10.44 9.62
C HIS F 162 34.93 11.63 8.86
N THR F 163 36.26 11.71 8.89
CA THR F 163 37.01 12.75 8.20
C THR F 163 36.60 12.88 6.73
N THR F 164 36.50 11.76 6.02
CA THR F 164 36.09 11.85 4.62
C THR F 164 35.05 10.76 4.33
N TYR F 165 34.86 10.47 3.05
CA TYR F 165 33.68 9.74 2.60
C TYR F 165 33.87 8.23 2.74
N ASP F 166 32.74 7.54 2.87
CA ASP F 166 32.69 6.09 2.92
C ASP F 166 32.66 5.57 1.49
N ASP F 167 33.60 4.68 1.14
CA ASP F 167 33.63 4.14 -0.22
C ASP F 167 32.77 2.89 -0.35
N LEU F 168 31.99 2.57 0.68
CA LEU F 168 30.97 1.52 0.62
C LEU F 168 31.56 0.14 0.34
N GLY F 169 32.85 -0.06 0.62
CA GLY F 169 33.48 -1.34 0.40
C GLY F 169 33.85 -1.64 -1.04
N ARG F 170 33.81 -0.63 -1.91
CA ARG F 170 34.06 -0.79 -3.35
C ARG F 170 35.21 0.12 -3.81
N GLY F 171 36.10 0.47 -2.89
N GLY F 171 36.07 0.53 -2.88
CA GLY F 171 37.39 1.02 -3.25
CA GLY F 171 37.17 1.42 -3.14
C GLY F 171 38.44 -0.07 -3.40
C GLY F 171 38.51 0.78 -3.42
N GLY F 172 39.59 0.33 -3.96
N GLY F 172 38.63 -0.55 -3.29
CA GLY F 172 40.68 -0.60 -4.19
CA GLY F 172 39.85 -1.25 -3.61
C GLY F 172 41.62 -0.70 -3.01
C GLY F 172 40.93 -1.22 -2.56
N SER F 173 41.15 -0.30 -1.82
N SER F 173 40.89 -0.26 -1.63
CA SER F 173 41.99 -0.24 -0.64
CA SER F 173 41.87 -0.21 -0.55
C SER F 173 41.86 -1.52 0.20
C SER F 173 41.80 -1.48 0.28
N PRO F 174 42.88 -1.82 1.00
CA PRO F 174 42.79 -2.96 1.92
C PRO F 174 41.76 -2.74 3.03
N VAL F 175 41.57 -1.49 3.47
CA VAL F 175 40.60 -1.19 4.52
C VAL F 175 39.18 -0.97 3.99
N SER F 176 38.98 -0.94 2.68
N SER F 176 38.99 -0.95 2.68
CA SER F 176 37.65 -0.65 2.15
CA SER F 176 37.67 -0.66 2.12
C SER F 176 36.63 -1.67 2.60
C SER F 176 36.64 -1.67 2.60
N LYS F 177 37.03 -2.94 2.75
CA LYS F 177 36.09 -3.97 3.17
C LYS F 177 35.90 -4.02 4.68
N VAL F 178 36.67 -3.23 5.42
CA VAL F 178 36.56 -3.15 6.87
C VAL F 178 35.74 -1.95 7.31
N ASN F 179 36.04 -0.77 6.78
CA ASN F 179 35.37 0.43 7.24
C ASN F 179 35.09 1.45 6.12
N GLY F 180 35.26 1.06 4.86
CA GLY F 180 34.98 1.99 3.78
C GLY F 180 35.99 3.10 3.59
N ASN F 181 37.14 3.05 4.26
CA ASN F 181 38.25 3.96 3.98
C ASN F 181 37.83 5.42 4.16
N ALA F 182 37.16 5.70 5.28
CA ALA F 182 36.63 7.03 5.55
C ALA F 182 37.57 7.91 6.37
N GLY F 183 38.74 7.39 6.75
CA GLY F 183 39.70 8.19 7.49
C GLY F 183 39.40 8.23 8.99
N GLY F 184 39.85 9.32 9.62
CA GLY F 184 39.71 9.51 11.05
C GLY F 184 38.33 9.99 11.43
N ARG F 185 38.24 10.54 12.64
CA ARG F 185 36.96 10.93 13.23
C ARG F 185 36.88 12.44 13.38
N LEU F 186 35.79 13.02 12.87
CA LEU F 186 35.55 14.45 12.98
C LEU F 186 34.71 14.80 14.21
N ALA F 187 33.64 14.04 14.43
CA ALA F 187 32.75 14.26 15.57
C ALA F 187 32.17 12.92 15.98
N CYS F 188 31.63 12.89 17.19
N CYS F 188 31.72 12.88 17.24
CA CYS F 188 31.07 11.64 17.68
CA CYS F 188 31.18 11.67 17.85
C CYS F 188 30.10 11.92 18.81
C CYS F 188 29.94 12.02 18.67
N GLY F 189 29.14 11.00 18.96
CA GLY F 189 28.11 11.14 19.96
C GLY F 189 27.55 9.79 20.33
N ILE F 190 27.28 9.58 21.62
CA ILE F 190 26.67 8.34 22.08
C ILE F 190 25.18 8.34 21.73
N ILE F 191 24.71 7.26 21.15
CA ILE F 191 23.29 7.10 20.90
C ILE F 191 22.62 6.69 22.20
N SER F 192 21.62 7.47 22.64
CA SER F 192 21.04 7.29 23.96
C SER F 192 19.53 7.45 23.89
N TYR F 193 18.87 7.07 24.99
CA TYR F 193 17.43 7.18 25.09
C TYR F 193 17.00 8.63 25.25
N VAL F 194 15.90 8.98 24.58
CA VAL F 194 15.34 10.31 24.73
C VAL F 194 14.67 10.44 26.10
#